data_3BXM
#
_entry.id   3BXM
#
_cell.length_a   102.063
_cell.length_b   129.801
_cell.length_c   159.589
_cell.angle_alpha   90.00
_cell.angle_beta   90.00
_cell.angle_gamma   90.00
#
_symmetry.space_group_name_H-M   'I 2 2 2'
#
loop_
_entity.id
_entity.type
_entity.pdbx_description
1 polymer 'Glutamate carboxypeptidase 2'
2 polymer 'N-Acetyl-Aspartyl-Glutamate (NAAG)'
3 branched 2-acetamido-2-deoxy-beta-D-glucopyranose-(1-4)-2-acetamido-2-deoxy-beta-D-glucopyranose
4 branched alpha-D-mannopyranose-(1-3)-beta-D-mannopyranose-(1-4)-2-acetamido-2-deoxy-beta-D-glucopyranose-(1-4)-2-acetamido-2-deoxy-beta-D-glucopyranose
5 non-polymer 2-acetamido-2-deoxy-beta-D-glucopyranose
6 non-polymer 'ZINC ION'
7 non-polymer 'CALCIUM ION'
8 non-polymer 'CHLORIDE ION'
9 water water
#
loop_
_entity_poly.entity_id
_entity_poly.type
_entity_poly.pdbx_seq_one_letter_code
_entity_poly.pdbx_strand_id
1 'polypeptide(L)'
;RSKSSNEATNITPKHNMKAFLDELKAENIKKFLYNFTQIPHLAGTEQNFQLAKQIQSQWKEFGLDSVELAHYDVLLSYPN
KTHPNYISIINEDGNEIFNTSLFEPPPPGYENVSDIVPPFSAFSPQGMPEGDLVYVNYARTEDFFKLERDMKINCSGKIV
IARYGKVFRGNKVKNAQLAGAKGVILYSDPADYFAPGVKSYPDGWNLPGGGVQRGNILNLNGAGDPLTPGYPANEYAYRR
GIAEAVGLPSIPVHPIGYYDAQKLLEKMGGSAPPDSSWRGSLKVPYNVGPGFTGNFSTQKVKMHIHSTNEVTRIYNVIGT
LRGAVEPDRYVILGGHRDSWVFGGIDPQSGAAVVHEIVRSFGTLKKEGWRPRRTILFASWDAAEFGLLGSTEWAEENSRL
LQERGVAYINADSSIEGNYTLRVDCTPLMYSLVHNLTKELKSPDEGFEGKSLYESWTKKSPSPEFSGMPRISKLGSGNDF
EVFFQRLGIASGRARYTKNWETNKFSGYPLYHSVYETYELVEKFYDPMFKYHLTVAQVRGGMVFELANSIVLPFDCRDYA
VVLRKYADKIYSISMKHPQEMKTYSVSFDSLFSAVKNFTEIASKFSERLQDFDKSNPIVLRMMNDQLMFLERAFIDPLGL
PDRPFYRHVIYAPSSHNKYAGESFPGIYDALFDIESKVDPSKAWGEVKRQIYVAAFTVQAAAETLSEVA
;
A
2 'polypeptide(L)' (ACE)DE I
#
loop_
_chem_comp.id
_chem_comp.type
_chem_comp.name
_chem_comp.formula
ACE non-polymer 'ACETYL GROUP' 'C2 H4 O'
BMA D-saccharide, beta linking beta-D-mannopyranose 'C6 H12 O6'
CA non-polymer 'CALCIUM ION' 'Ca 2'
CL non-polymer 'CHLORIDE ION' 'Cl -1'
MAN D-saccharide, alpha linking alpha-D-mannopyranose 'C6 H12 O6'
NAG D-saccharide, beta linking 2-acetamido-2-deoxy-beta-D-glucopyranose 'C8 H15 N O6'
ZN non-polymer 'ZINC ION' 'Zn 2'
#
# COMPACT_ATOMS: atom_id res chain seq x y z
N LYS A 14 13.58 18.63 30.36
CA LYS A 14 13.20 19.26 29.06
C LYS A 14 12.09 18.49 28.35
N HIS A 15 11.37 19.20 27.48
CA HIS A 15 10.39 18.62 26.59
C HIS A 15 11.03 18.57 25.20
N ASN A 16 11.77 17.51 24.94
CA ASN A 16 12.48 17.40 23.68
C ASN A 16 12.18 16.03 23.10
N MET A 17 12.85 15.65 22.02
CA MET A 17 12.45 14.39 21.39
C MET A 17 12.71 13.21 22.36
N LYS A 18 13.83 13.28 23.06
CA LYS A 18 14.14 12.21 24.02
C LYS A 18 13.02 11.98 25.04
N ALA A 19 12.46 13.06 25.61
CA ALA A 19 11.32 12.98 26.53
C ALA A 19 10.17 12.23 25.88
N PHE A 20 9.84 12.64 24.65
CA PHE A 20 8.76 11.98 23.93
C PHE A 20 9.02 10.48 23.74
N LEU A 21 10.21 10.15 23.26
CA LEU A 21 10.59 8.80 22.92
C LEU A 21 10.66 7.92 24.17
N ASP A 22 11.20 8.45 25.25
CA ASP A 22 11.32 7.63 26.49
C ASP A 22 9.98 7.32 27.09
N GLU A 23 8.93 8.11 26.79
CA GLU A 23 7.65 7.89 27.39
C GLU A 23 6.95 6.69 26.75
N LEU A 24 7.34 6.37 25.50
CA LEU A 24 6.75 5.22 24.75
C LEU A 24 7.08 3.89 25.47
N LYS A 25 6.12 2.98 25.63
CA LYS A 25 6.39 1.70 26.33
C LYS A 25 5.90 0.50 25.56
N ALA A 26 6.75 -0.51 25.42
CA ALA A 26 6.35 -1.78 24.78
C ALA A 26 5.13 -2.36 25.42
N GLU A 27 5.03 -2.28 26.75
CA GLU A 27 3.92 -2.89 27.47
C GLU A 27 2.56 -2.26 27.16
N ASN A 28 2.57 -0.95 26.88
CA ASN A 28 1.34 -0.27 26.50
C ASN A 28 0.90 -0.69 25.11
N ILE A 29 1.86 -0.82 24.20
CA ILE A 29 1.56 -1.24 22.82
C ILE A 29 0.94 -2.65 22.88
N LYS A 30 1.53 -3.50 23.74
CA LYS A 30 0.98 -4.88 23.91
C LYS A 30 -0.46 -4.86 24.41
N LYS A 31 -0.74 -4.07 25.45
CA LYS A 31 -2.09 -3.94 25.98
C LYS A 31 -3.09 -3.40 24.95
N PHE A 32 -2.68 -2.38 24.20
CA PHE A 32 -3.62 -1.86 23.17
C PHE A 32 -3.84 -2.90 22.05
N LEU A 33 -2.79 -3.61 21.67
CA LEU A 33 -2.96 -4.60 20.62
C LEU A 33 -3.98 -5.65 21.06
N TYR A 34 -3.82 -6.19 22.27
CA TYR A 34 -4.77 -7.13 22.80
C TYR A 34 -6.19 -6.54 22.77
N ASN A 35 -6.32 -5.30 23.20
CA ASN A 35 -7.60 -4.62 23.27
C ASN A 35 -8.31 -4.47 21.92
N PHE A 36 -7.51 -4.33 20.86
CA PHE A 36 -8.05 -4.03 19.52
C PHE A 36 -8.31 -5.28 18.70
N THR A 37 -8.00 -6.48 19.27
CA THR A 37 -8.02 -7.65 18.43
C THR A 37 -8.87 -8.82 19.00
N GLN A 38 -9.75 -8.54 19.96
CA GLN A 38 -10.62 -9.59 20.57
C GLN A 38 -11.82 -9.98 19.73
N ILE A 39 -12.33 -9.05 18.90
CA ILE A 39 -13.50 -9.30 18.02
C ILE A 39 -13.17 -8.72 16.63
N PRO A 40 -13.89 -9.17 15.56
CA PRO A 40 -13.61 -8.58 14.23
C PRO A 40 -14.02 -7.10 14.19
N HIS A 41 -13.31 -6.32 13.34
CA HIS A 41 -13.67 -4.92 13.15
C HIS A 41 -13.80 -4.60 11.64
N LEU A 42 -14.65 -5.35 10.99
CA LEU A 42 -14.89 -5.18 9.55
C LEU A 42 -15.50 -3.82 9.29
N ALA A 43 -15.02 -3.16 8.24
CA ALA A 43 -15.57 -1.84 7.87
C ALA A 43 -17.08 -1.94 7.67
N GLY A 44 -17.77 -0.91 8.16
CA GLY A 44 -19.20 -0.78 7.99
C GLY A 44 -20.02 -1.57 8.99
N THR A 45 -19.37 -2.30 9.90
CA THR A 45 -20.09 -3.03 10.94
C THR A 45 -20.18 -2.29 12.27
N GLU A 46 -21.16 -2.68 13.11
CA GLU A 46 -21.34 -2.02 14.38
C GLU A 46 -20.11 -2.11 15.28
N GLN A 47 -19.41 -3.28 15.26
CA GLN A 47 -18.23 -3.50 16.04
C GLN A 47 -17.13 -2.46 15.71
N ASN A 48 -17.03 -2.07 14.43
CA ASN A 48 -15.99 -1.13 14.06
C ASN A 48 -16.39 0.33 14.44
N PHE A 49 -17.68 0.64 14.43
CA PHE A 49 -18.17 1.94 14.91
C PHE A 49 -17.91 2.05 16.40
N GLN A 50 -18.18 0.96 17.14
CA GLN A 50 -17.86 1.01 18.57
C GLN A 50 -16.38 1.23 18.89
N LEU A 51 -15.49 0.60 18.10
CA LEU A 51 -14.07 0.83 18.35
C LEU A 51 -13.70 2.30 18.00
N ALA A 52 -14.26 2.82 16.91
CA ALA A 52 -14.08 4.25 16.58
C ALA A 52 -14.42 5.16 17.77
N LYS A 53 -15.56 4.89 18.38
CA LYS A 53 -16.02 5.74 19.50
C LYS A 53 -15.10 5.57 20.71
N GLN A 54 -14.59 4.33 20.90
CA GLN A 54 -13.62 4.10 21.97
C GLN A 54 -12.31 4.86 21.77
N ILE A 55 -11.74 4.78 20.56
CA ILE A 55 -10.55 5.50 20.22
C ILE A 55 -10.79 7.03 20.39
N GLN A 56 -11.92 7.50 19.89
CA GLN A 56 -12.24 8.94 20.04
C GLN A 56 -12.19 9.31 21.53
N SER A 57 -12.84 8.49 22.36
CA SER A 57 -12.87 8.77 23.80
C SER A 57 -11.47 8.75 24.44
N GLN A 58 -10.66 7.75 24.09
CA GLN A 58 -9.31 7.65 24.63
C GLN A 58 -8.39 8.76 24.17
N TRP A 59 -8.44 9.11 22.87
CA TRP A 59 -7.61 10.21 22.40
C TRP A 59 -7.94 11.52 23.14
N LYS A 60 -9.20 11.73 23.45
CA LYS A 60 -9.62 12.92 24.29
C LYS A 60 -8.97 12.85 25.67
N GLU A 61 -9.12 11.68 26.32
CA GLU A 61 -8.49 11.44 27.64
C GLU A 61 -6.97 11.61 27.59
N PHE A 62 -6.33 11.16 26.51
CA PHE A 62 -4.87 11.26 26.38
C PHE A 62 -4.38 12.71 26.29
N GLY A 63 -5.27 13.62 25.93
CA GLY A 63 -4.99 15.05 25.93
C GLY A 63 -5.15 15.85 24.65
N LEU A 64 -5.65 15.24 23.55
CA LEU A 64 -5.67 16.01 22.29
C LEU A 64 -6.67 17.14 22.41
N ASP A 65 -6.43 18.21 21.66
CA ASP A 65 -7.35 19.38 21.71
C ASP A 65 -8.77 19.15 21.19
N SER A 66 -8.91 18.41 20.09
CA SER A 66 -10.21 17.99 19.64
C SER A 66 -10.07 16.61 19.01
N VAL A 67 -11.17 15.88 19.06
CA VAL A 67 -11.19 14.53 18.44
C VAL A 67 -12.59 14.33 17.91
N GLU A 68 -12.73 14.17 16.59
CA GLU A 68 -14.06 14.08 16.01
C GLU A 68 -14.14 12.87 15.11
N LEU A 69 -15.36 12.41 14.85
CA LEU A 69 -15.57 11.38 13.84
C LEU A 69 -15.95 12.10 12.54
N ALA A 70 -15.33 11.68 11.44
CA ALA A 70 -15.71 12.18 10.09
C ALA A 70 -16.31 11.00 9.41
N HIS A 71 -17.59 11.04 9.06
CA HIS A 71 -18.22 9.85 8.48
C HIS A 71 -18.57 10.10 6.98
N TYR A 72 -18.73 9.02 6.20
CA TYR A 72 -19.01 9.09 4.76
C TYR A 72 -19.84 7.86 4.46
N ASP A 73 -20.61 7.88 3.38
CA ASP A 73 -21.38 6.69 2.97
C ASP A 73 -20.85 6.23 1.65
N VAL A 74 -20.14 5.09 1.68
CA VAL A 74 -19.36 4.62 0.53
C VAL A 74 -19.79 3.21 0.11
N LEU A 75 -19.43 2.83 -1.12
CA LEU A 75 -19.75 1.47 -1.61
C LEU A 75 -18.86 0.42 -0.93
N LEU A 76 -19.45 -0.50 -0.17
CA LEU A 76 -18.73 -1.67 0.42
C LEU A 76 -19.32 -2.96 -0.18
N SER A 77 -18.75 -4.11 0.18
CA SER A 77 -19.13 -5.37 -0.48
C SER A 77 -19.12 -6.45 0.60
N TYR A 78 -20.17 -7.30 0.66
CA TYR A 78 -20.23 -8.34 1.70
C TYR A 78 -20.84 -9.62 1.14
N PRO A 79 -20.36 -10.77 1.61
CA PRO A 79 -21.07 -12.00 1.20
C PRO A 79 -22.53 -11.97 1.65
N ASN A 80 -23.35 -12.77 0.97
CA ASN A 80 -24.73 -13.00 1.42
C ASN A 80 -24.72 -14.10 2.49
N LYS A 81 -25.10 -13.73 3.71
CA LYS A 81 -25.11 -14.66 4.87
C LYS A 81 -25.98 -15.92 4.69
N THR A 82 -27.03 -15.84 3.89
CA THR A 82 -27.89 -17.02 3.69
C THR A 82 -27.70 -17.70 2.32
N HIS A 83 -26.62 -17.35 1.62
CA HIS A 83 -26.41 -17.86 0.29
C HIS A 83 -24.90 -17.80 0.02
N PRO A 84 -24.17 -18.73 0.63
CA PRO A 84 -22.68 -18.75 0.67
C PRO A 84 -22.01 -18.87 -0.66
N ASN A 85 -20.85 -18.22 -0.77
CA ASN A 85 -20.03 -18.33 -1.95
C ASN A 85 -19.26 -19.65 -1.93
N TYR A 86 -19.16 -20.30 -3.08
CA TYR A 86 -18.26 -21.49 -3.12
C TYR A 86 -17.97 -21.87 -4.54
N ILE A 87 -17.02 -22.78 -4.73
CA ILE A 87 -16.65 -23.24 -6.05
C ILE A 87 -16.86 -24.78 -6.07
N SER A 88 -17.28 -25.27 -7.21
CA SER A 88 -17.45 -26.74 -7.43
C SER A 88 -16.69 -27.29 -8.62
N ILE A 89 -16.34 -28.59 -8.53
CA ILE A 89 -16.15 -29.37 -9.77
C ILE A 89 -17.49 -30.07 -10.01
N ILE A 90 -17.98 -29.93 -11.23
CA ILE A 90 -19.30 -30.38 -11.63
C ILE A 90 -19.14 -31.45 -12.73
N ASN A 91 -19.78 -32.61 -12.58
CA ASN A 91 -19.71 -33.61 -13.65
C ASN A 91 -20.69 -33.33 -14.77
N GLU A 92 -20.60 -34.13 -15.84
CA GLU A 92 -21.49 -34.05 -17.00
C GLU A 92 -23.01 -34.00 -16.71
N ASP A 93 -23.45 -34.68 -15.66
CA ASP A 93 -24.86 -34.65 -15.26
C ASP A 93 -25.23 -33.34 -14.59
N GLY A 94 -24.21 -32.62 -14.09
CA GLY A 94 -24.45 -31.41 -13.33
C GLY A 94 -24.42 -31.64 -11.82
N ASN A 95 -23.89 -32.79 -11.40
CA ASN A 95 -23.72 -33.07 -9.97
C ASN A 95 -22.42 -32.40 -9.50
N GLU A 96 -22.49 -31.72 -8.36
CA GLU A 96 -21.29 -31.09 -7.76
C GLU A 96 -20.55 -32.11 -6.94
N ILE A 97 -19.47 -32.65 -7.51
CA ILE A 97 -18.75 -33.74 -6.87
C ILE A 97 -17.67 -33.28 -5.90
N PHE A 98 -17.37 -31.98 -5.92
CA PHE A 98 -16.41 -31.44 -4.95
C PHE A 98 -16.80 -29.98 -4.75
N ASN A 99 -16.81 -29.55 -3.50
CA ASN A 99 -17.13 -28.16 -3.16
C ASN A 99 -16.01 -27.58 -2.35
N THR A 100 -15.61 -26.32 -2.64
CA THR A 100 -14.67 -25.65 -1.74
C THR A 100 -15.33 -25.30 -0.39
N SER A 101 -14.52 -24.97 0.61
CA SER A 101 -15.00 -24.69 1.97
C SER A 101 -15.91 -23.46 2.07
N LEU A 102 -16.83 -23.46 3.02
CA LEU A 102 -17.67 -22.28 3.25
C LEU A 102 -17.07 -21.32 4.28
N PHE A 103 -16.00 -21.75 4.96
CA PHE A 103 -15.34 -20.91 5.97
C PHE A 103 -14.00 -21.48 6.34
N GLU A 104 -13.11 -20.67 6.94
CA GLU A 104 -11.82 -21.16 7.46
C GLU A 104 -12.06 -21.74 8.85
N PRO A 105 -11.46 -22.93 9.13
CA PRO A 105 -11.52 -23.46 10.49
C PRO A 105 -11.02 -22.42 11.52
N PRO A 106 -11.88 -21.99 12.44
CA PRO A 106 -11.42 -20.95 13.34
C PRO A 106 -10.27 -21.37 14.24
N PRO A 107 -9.42 -20.42 14.63
CA PRO A 107 -8.33 -20.85 15.49
C PRO A 107 -8.77 -21.16 16.93
N PRO A 108 -7.88 -21.84 17.68
CA PRO A 108 -8.23 -22.21 19.06
C PRO A 108 -8.73 -21.09 19.96
N GLY A 109 -9.91 -21.28 20.58
CA GLY A 109 -10.38 -20.32 21.53
C GLY A 109 -11.29 -19.29 20.90
N TYR A 110 -11.34 -19.31 19.58
CA TYR A 110 -12.22 -18.42 18.85
C TYR A 110 -13.45 -19.25 18.55
N GLU A 111 -13.29 -20.32 17.76
CA GLU A 111 -14.36 -21.22 17.31
C GLU A 111 -15.83 -20.86 17.65
N ASN A 112 -16.06 -20.05 18.68
CA ASN A 112 -17.39 -19.50 19.01
C ASN A 112 -17.54 -17.97 18.79
N VAL A 113 -16.53 -17.35 18.19
CA VAL A 113 -16.65 -15.96 17.83
C VAL A 113 -17.66 -15.83 16.67
N SER A 114 -18.59 -14.91 16.81
CA SER A 114 -19.52 -14.67 15.72
C SER A 114 -19.02 -13.53 14.79
N ASP A 115 -19.67 -13.42 13.64
CA ASP A 115 -19.42 -12.36 12.70
C ASP A 115 -18.00 -12.44 12.16
N ILE A 116 -17.45 -13.65 12.01
CA ILE A 116 -16.25 -13.74 11.21
C ILE A 116 -16.66 -13.83 9.75
N VAL A 117 -16.28 -12.83 8.95
CA VAL A 117 -16.70 -12.82 7.55
C VAL A 117 -16.00 -13.98 6.83
N PRO A 118 -16.75 -14.84 6.12
CA PRO A 118 -16.04 -15.89 5.40
C PRO A 118 -15.16 -15.36 4.27
N PRO A 119 -14.15 -16.13 3.84
CA PRO A 119 -13.32 -15.67 2.74
C PRO A 119 -14.14 -15.28 1.52
N PHE A 120 -13.82 -14.10 0.95
CA PHE A 120 -14.42 -13.65 -0.28
C PHE A 120 -13.52 -12.61 -0.90
N SER A 121 -13.80 -12.30 -2.19
CA SER A 121 -13.09 -11.22 -2.92
C SER A 121 -14.06 -10.02 -2.91
N ALA A 122 -13.74 -9.00 -2.14
CA ALA A 122 -14.66 -7.84 -2.06
C ALA A 122 -14.76 -7.16 -3.44
N PHE A 123 -16.00 -6.87 -3.81
CA PHE A 123 -16.47 -6.19 -5.03
C PHE A 123 -16.65 -7.12 -6.23
N SER A 124 -16.47 -8.43 -5.99
CA SER A 124 -16.79 -9.39 -7.07
C SER A 124 -18.27 -9.17 -7.47
N PRO A 125 -18.55 -9.21 -8.77
CA PRO A 125 -19.96 -9.24 -9.11
C PRO A 125 -20.53 -10.64 -8.84
N GLN A 126 -21.84 -10.78 -8.93
CA GLN A 126 -22.53 -12.07 -8.75
C GLN A 126 -22.45 -12.86 -10.03
N GLY A 127 -22.50 -14.19 -9.93
CA GLY A 127 -22.56 -15.01 -11.15
C GLY A 127 -22.36 -16.46 -10.80
N MET A 128 -22.69 -17.33 -11.74
CA MET A 128 -22.47 -18.75 -11.55
C MET A 128 -21.81 -19.36 -12.81
N PRO A 129 -20.70 -18.78 -13.27
CA PRO A 129 -20.03 -19.26 -14.48
C PRO A 129 -19.50 -20.72 -14.35
N GLU A 130 -19.66 -21.52 -15.41
CA GLU A 130 -19.03 -22.86 -15.48
C GLU A 130 -18.17 -22.96 -16.71
N GLY A 131 -17.03 -23.62 -16.59
CA GLY A 131 -16.15 -23.75 -17.74
C GLY A 131 -14.92 -24.53 -17.40
N ASP A 132 -13.97 -24.49 -18.31
CA ASP A 132 -12.73 -25.23 -18.16
C ASP A 132 -11.70 -24.28 -17.56
N LEU A 133 -10.80 -24.84 -16.77
CA LEU A 133 -9.81 -24.08 -16.05
C LEU A 133 -8.56 -23.83 -16.92
N VAL A 134 -7.97 -22.63 -16.77
CA VAL A 134 -6.62 -22.37 -17.27
C VAL A 134 -5.83 -21.85 -16.06
N TYR A 135 -4.67 -22.43 -15.83
CA TYR A 135 -3.76 -21.99 -14.79
C TYR A 135 -2.76 -20.95 -15.33
N VAL A 136 -2.74 -19.78 -14.67
CA VAL A 136 -2.06 -18.61 -15.21
C VAL A 136 -0.91 -18.10 -14.29
N ASN A 137 -0.36 -18.98 -13.45
CA ASN A 137 0.75 -18.70 -12.56
C ASN A 137 0.28 -17.55 -11.65
N TYR A 138 1.05 -16.47 -11.61
CA TYR A 138 0.66 -15.33 -10.77
C TYR A 138 -0.29 -14.36 -11.45
N ALA A 139 -0.75 -14.67 -12.67
CA ALA A 139 -1.65 -13.80 -13.46
C ALA A 139 -1.03 -12.39 -13.67
N ARG A 140 0.30 -12.33 -13.69
CA ARG A 140 1.03 -11.08 -14.05
C ARG A 140 0.94 -10.76 -15.53
N THR A 141 1.26 -9.50 -15.90
CA THR A 141 1.23 -9.13 -17.29
C THR A 141 2.12 -10.12 -18.09
N GLU A 142 3.32 -10.40 -17.56
CA GLU A 142 4.26 -11.30 -18.29
C GLU A 142 3.76 -12.75 -18.32
N ASP A 143 2.91 -13.13 -17.36
CA ASP A 143 2.34 -14.52 -17.35
C ASP A 143 1.35 -14.65 -18.48
N PHE A 144 0.54 -13.61 -18.68
CA PHE A 144 -0.41 -13.60 -19.78
C PHE A 144 0.28 -13.46 -21.14
N PHE A 145 1.32 -12.62 -21.20
CA PHE A 145 2.15 -12.58 -22.42
C PHE A 145 2.63 -14.00 -22.78
N LYS A 146 3.18 -14.74 -21.80
CA LYS A 146 3.74 -16.10 -22.05
C LYS A 146 2.66 -17.06 -22.54
N LEU A 147 1.50 -17.06 -21.89
CA LEU A 147 0.37 -17.88 -22.31
C LEU A 147 -0.11 -17.60 -23.71
N GLU A 148 -0.41 -16.33 -23.99
CA GLU A 148 -1.05 -15.93 -25.23
C GLU A 148 -0.06 -15.86 -26.39
N ARG A 149 1.13 -15.32 -26.13
CA ARG A 149 2.09 -15.06 -27.19
C ARG A 149 3.00 -16.27 -27.47
N ASP A 150 3.48 -16.93 -26.41
CA ASP A 150 4.46 -17.99 -26.57
C ASP A 150 3.82 -19.37 -26.61
N MET A 151 2.77 -19.59 -25.81
CA MET A 151 2.16 -20.92 -25.76
C MET A 151 0.91 -21.01 -26.60
N LYS A 152 0.44 -19.87 -27.10
CA LYS A 152 -0.78 -19.77 -27.88
C LYS A 152 -1.99 -20.37 -27.17
N ILE A 153 -2.08 -20.19 -25.85
CA ILE A 153 -3.25 -20.61 -25.10
C ILE A 153 -4.23 -19.45 -24.97
N ASN A 154 -5.49 -19.71 -25.26
CA ASN A 154 -6.49 -18.66 -25.29
C ASN A 154 -7.38 -18.75 -24.04
N CYS A 155 -7.46 -17.65 -23.25
CA CYS A 155 -8.27 -17.64 -22.02
C CYS A 155 -9.71 -17.22 -22.24
N SER A 156 -10.04 -16.81 -23.45
CA SER A 156 -11.39 -16.35 -23.69
C SER A 156 -12.44 -17.39 -23.25
N GLY A 157 -13.40 -17.00 -22.42
CA GLY A 157 -14.45 -17.91 -21.94
C GLY A 157 -13.97 -19.00 -20.98
N LYS A 158 -12.71 -18.93 -20.54
CA LYS A 158 -12.18 -19.88 -19.55
C LYS A 158 -12.29 -19.29 -18.13
N ILE A 159 -12.25 -20.18 -17.13
CA ILE A 159 -12.08 -19.75 -15.74
C ILE A 159 -10.59 -19.81 -15.45
N VAL A 160 -9.99 -18.70 -15.02
CA VAL A 160 -8.56 -18.80 -14.75
C VAL A 160 -8.35 -19.06 -13.26
N ILE A 161 -7.34 -19.87 -12.95
CA ILE A 161 -6.94 -20.05 -11.59
C ILE A 161 -5.52 -19.54 -11.47
N ALA A 162 -5.32 -18.66 -10.49
CA ALA A 162 -4.05 -17.97 -10.31
C ALA A 162 -3.61 -18.11 -8.86
N ARG A 163 -2.30 -18.21 -8.62
CA ARG A 163 -1.77 -18.15 -7.29
C ARG A 163 -1.54 -16.70 -6.87
N TYR A 164 -1.85 -16.44 -5.60
CA TYR A 164 -1.59 -15.15 -4.99
C TYR A 164 -0.09 -14.97 -4.97
N GLY A 165 0.36 -13.70 -4.93
CA GLY A 165 1.77 -13.42 -4.74
C GLY A 165 2.26 -12.44 -5.81
N LYS A 166 3.40 -11.81 -5.51
CA LYS A 166 4.17 -11.00 -6.52
C LYS A 166 3.54 -9.64 -6.85
N VAL A 167 2.25 -9.65 -7.14
CA VAL A 167 1.54 -8.38 -7.48
C VAL A 167 0.20 -8.26 -6.76
N PHE A 168 -0.29 -7.01 -6.64
CA PHE A 168 -1.64 -6.82 -6.11
C PHE A 168 -2.73 -7.65 -6.84
N ARG A 169 -3.64 -8.23 -6.05
CA ARG A 169 -4.70 -9.12 -6.63
C ARG A 169 -5.62 -8.41 -7.61
N GLY A 170 -5.87 -7.11 -7.43
CA GLY A 170 -6.64 -6.40 -8.40
C GLY A 170 -5.99 -6.35 -9.78
N ASN A 171 -4.65 -6.29 -9.86
CA ASN A 171 -3.96 -6.33 -11.14
C ASN A 171 -4.17 -7.69 -11.84
N LYS A 172 -4.14 -8.73 -11.02
CA LYS A 172 -4.41 -10.13 -11.55
C LYS A 172 -5.78 -10.20 -12.21
N VAL A 173 -6.81 -9.61 -11.58
CA VAL A 173 -8.14 -9.73 -12.02
C VAL A 173 -8.32 -8.86 -13.27
N LYS A 174 -7.69 -7.66 -13.29
CA LYS A 174 -7.77 -6.82 -14.46
C LYS A 174 -7.15 -7.59 -15.65
N ASN A 175 -6.02 -8.23 -15.40
CA ASN A 175 -5.26 -8.91 -16.48
C ASN A 175 -6.10 -10.11 -16.96
N ALA A 176 -6.69 -10.85 -16.02
CA ALA A 176 -7.62 -11.99 -16.39
C ALA A 176 -8.79 -11.48 -17.23
N GLN A 177 -9.41 -10.36 -16.82
CA GLN A 177 -10.54 -9.78 -17.56
C GLN A 177 -10.15 -9.45 -19.00
N LEU A 178 -9.00 -8.81 -19.19
CA LEU A 178 -8.63 -8.34 -20.51
C LEU A 178 -8.19 -9.49 -21.39
N ALA A 179 -7.76 -10.59 -20.77
CA ALA A 179 -7.54 -11.86 -21.50
C ALA A 179 -8.84 -12.59 -21.88
N GLY A 180 -10.00 -12.10 -21.46
CA GLY A 180 -11.30 -12.70 -21.79
C GLY A 180 -11.80 -13.80 -20.85
N ALA A 181 -11.15 -13.97 -19.69
CA ALA A 181 -11.63 -14.92 -18.68
C ALA A 181 -13.06 -14.65 -18.28
N LYS A 182 -13.80 -15.71 -17.91
CA LYS A 182 -15.15 -15.48 -17.36
C LYS A 182 -15.25 -15.60 -15.84
N GLY A 183 -14.12 -15.80 -15.18
CA GLY A 183 -14.11 -15.97 -13.73
C GLY A 183 -12.67 -16.11 -13.32
N VAL A 184 -12.35 -15.81 -12.05
CA VAL A 184 -11.00 -15.94 -11.59
C VAL A 184 -11.07 -16.61 -10.22
N ILE A 185 -10.22 -17.61 -9.99
CA ILE A 185 -10.09 -18.26 -8.70
C ILE A 185 -8.67 -17.97 -8.21
N LEU A 186 -8.54 -17.34 -7.05
CA LEU A 186 -7.22 -17.02 -6.47
C LEU A 186 -6.94 -18.01 -5.38
N TYR A 187 -5.70 -18.48 -5.25
CA TYR A 187 -5.38 -19.37 -4.14
C TYR A 187 -4.02 -19.15 -3.59
N SER A 188 -3.77 -19.58 -2.35
CA SER A 188 -2.49 -19.41 -1.72
C SER A 188 -1.60 -20.68 -1.88
N ASP A 189 -0.54 -20.60 -2.67
CA ASP A 189 0.33 -21.80 -2.82
C ASP A 189 1.31 -21.88 -1.66
N PRO A 190 1.57 -23.10 -1.12
CA PRO A 190 2.60 -23.17 -0.13
C PRO A 190 3.95 -22.63 -0.56
N ALA A 191 4.23 -22.58 -1.87
CA ALA A 191 5.54 -22.06 -2.32
C ALA A 191 5.71 -20.61 -1.83
N ASP A 192 4.59 -19.89 -1.81
CA ASP A 192 4.60 -18.43 -1.48
C ASP A 192 4.16 -18.14 -0.04
N TYR A 193 3.41 -19.06 0.55
CA TYR A 193 2.81 -18.85 1.87
C TYR A 193 3.10 -19.90 2.94
N PHE A 194 4.11 -20.74 2.71
CA PHE A 194 4.54 -21.70 3.75
C PHE A 194 6.07 -21.72 3.78
N ALA A 195 6.65 -21.05 4.78
CA ALA A 195 8.11 -20.95 4.90
C ALA A 195 8.67 -22.30 5.34
N PRO A 196 9.72 -22.79 4.67
CA PRO A 196 10.34 -24.07 5.06
C PRO A 196 10.68 -24.18 6.53
N GLY A 197 10.29 -25.30 7.15
CA GLY A 197 10.73 -25.57 8.51
C GLY A 197 9.96 -24.91 9.63
N VAL A 198 8.86 -24.20 9.32
CA VAL A 198 8.06 -23.63 10.41
C VAL A 198 6.69 -24.26 10.35
N LYS A 199 6.03 -24.32 11.49
CA LYS A 199 4.76 -25.03 11.54
C LYS A 199 3.59 -24.11 11.20
N SER A 200 2.50 -24.70 10.73
CA SER A 200 1.20 -24.04 10.50
C SER A 200 0.64 -23.50 11.78
N TYR A 201 -0.16 -22.42 11.67
CA TYR A 201 -0.87 -21.87 12.78
C TYR A 201 -1.83 -22.97 13.31
N PRO A 202 -1.99 -23.08 14.64
CA PRO A 202 -1.52 -22.34 15.81
C PRO A 202 -0.13 -22.62 16.40
N ASP A 203 0.64 -23.52 15.78
CA ASP A 203 1.92 -23.93 16.38
C ASP A 203 3.09 -23.25 15.73
N GLY A 204 2.81 -22.40 14.74
CA GLY A 204 3.84 -21.57 14.13
C GLY A 204 3.15 -20.50 13.30
N TRP A 205 3.92 -19.79 12.47
CA TRP A 205 3.32 -18.64 11.73
C TRP A 205 3.00 -18.90 10.28
N ASN A 206 3.00 -20.19 9.88
CA ASN A 206 2.64 -20.58 8.51
C ASN A 206 1.15 -20.72 8.22
N LEU A 207 0.78 -20.65 6.95
CA LEU A 207 -0.59 -20.76 6.57
C LEU A 207 -0.99 -22.23 6.49
N PRO A 208 -2.06 -22.61 7.22
CA PRO A 208 -2.59 -23.97 7.07
C PRO A 208 -3.35 -24.14 5.79
N GLY A 209 -3.57 -25.41 5.41
CA GLY A 209 -4.22 -25.65 4.14
C GLY A 209 -5.66 -25.15 4.02
N GLY A 210 -6.30 -24.88 5.14
CA GLY A 210 -7.69 -24.40 5.14
C GLY A 210 -7.73 -22.86 5.20
N GLY A 211 -6.56 -22.26 5.32
CA GLY A 211 -6.48 -20.75 5.49
C GLY A 211 -6.70 -20.09 4.16
N VAL A 212 -7.27 -18.88 4.18
CA VAL A 212 -7.55 -18.21 2.91
C VAL A 212 -7.30 -16.70 3.11
N GLN A 213 -6.77 -16.09 2.06
CA GLN A 213 -6.49 -14.61 2.10
C GLN A 213 -7.64 -13.87 1.47
N ARG A 214 -8.34 -13.08 2.31
CA ARG A 214 -9.33 -12.11 1.84
C ARG A 214 -8.61 -10.91 1.17
N GLY A 215 -9.43 -10.10 0.49
CA GLY A 215 -8.98 -8.80 -0.02
C GLY A 215 -9.78 -8.30 -1.21
N ASN A 216 -9.79 -6.97 -1.37
CA ASN A 216 -10.55 -6.41 -2.47
C ASN A 216 -9.81 -6.55 -3.79
N ILE A 217 -10.56 -6.53 -4.88
CA ILE A 217 -10.02 -6.75 -6.23
C ILE A 217 -10.39 -5.58 -7.12
N LEU A 218 -10.47 -4.40 -6.51
CA LEU A 218 -10.78 -3.22 -7.33
C LEU A 218 -9.56 -2.73 -8.08
N ASN A 219 -9.81 -1.92 -9.12
CA ASN A 219 -8.74 -1.14 -9.80
C ASN A 219 -9.14 0.34 -9.78
N LEU A 220 -9.04 0.93 -8.59
CA LEU A 220 -9.53 2.32 -8.42
C LEU A 220 -8.57 3.37 -8.94
N ASN A 221 -7.28 3.01 -9.07
CA ASN A 221 -6.23 4.00 -9.39
C ASN A 221 -6.34 5.33 -8.63
N GLY A 222 -6.58 5.21 -7.33
CA GLY A 222 -6.60 6.37 -6.48
C GLY A 222 -7.94 7.07 -6.33
N ALA A 223 -9.00 6.52 -6.93
CA ALA A 223 -10.28 7.27 -6.92
C ALA A 223 -11.02 7.34 -5.57
N GLY A 224 -10.79 6.40 -4.67
CA GLY A 224 -11.56 6.36 -3.40
C GLY A 224 -12.91 5.65 -3.65
N ASP A 225 -13.97 6.06 -2.96
CA ASP A 225 -15.28 5.44 -3.12
C ASP A 225 -15.63 5.31 -4.60
N PRO A 226 -15.95 4.07 -5.06
CA PRO A 226 -16.28 3.92 -6.45
C PRO A 226 -17.38 4.82 -7.02
N LEU A 227 -18.31 5.22 -6.15
CA LEU A 227 -19.43 6.06 -6.64
C LEU A 227 -19.26 7.60 -6.69
N THR A 228 -18.21 8.11 -6.10
CA THR A 228 -18.04 9.60 -5.97
C THR A 228 -16.59 10.09 -6.25
N PRO A 229 -16.01 9.69 -7.40
CA PRO A 229 -14.63 10.09 -7.67
C PRO A 229 -14.50 11.60 -7.75
N GLY A 230 -13.56 12.17 -6.98
CA GLY A 230 -13.31 13.59 -6.98
C GLY A 230 -13.88 14.34 -5.80
N TYR A 231 -14.91 13.77 -5.16
CA TYR A 231 -15.67 14.55 -4.14
C TYR A 231 -16.01 13.66 -2.95
N PRO A 232 -16.12 14.26 -1.75
CA PRO A 232 -16.42 13.40 -0.59
C PRO A 232 -17.85 12.82 -0.61
N ALA A 233 -17.97 11.57 -0.16
CA ALA A 233 -19.23 10.85 -0.14
C ALA A 233 -20.05 11.32 1.08
N ASN A 234 -20.39 12.60 1.07
CA ASN A 234 -21.09 13.16 2.22
C ASN A 234 -22.60 12.93 2.07
N GLU A 235 -23.40 13.63 2.89
CA GLU A 235 -24.83 13.40 2.96
C GLU A 235 -25.58 13.78 1.69
N TYR A 236 -25.07 14.77 0.95
CA TYR A 236 -25.83 15.23 -0.23
C TYR A 236 -25.16 14.82 -1.51
N ALA A 237 -24.17 13.92 -1.40
CA ALA A 237 -23.37 13.48 -2.56
C ALA A 237 -24.25 12.98 -3.67
N TYR A 238 -23.86 13.27 -4.90
CA TYR A 238 -24.54 12.65 -6.01
C TYR A 238 -23.67 11.46 -6.45
N ARG A 239 -24.28 10.29 -6.58
CA ARG A 239 -23.52 9.04 -6.84
C ARG A 239 -23.69 8.56 -8.24
N ARG A 240 -22.59 8.11 -8.83
CA ARG A 240 -22.69 7.38 -10.08
C ARG A 240 -23.59 6.13 -9.87
N GLY A 241 -24.24 5.71 -10.97
CA GLY A 241 -24.86 4.42 -10.98
C GLY A 241 -23.79 3.37 -11.04
N ILE A 242 -24.15 2.17 -10.58
CA ILE A 242 -23.25 1.05 -10.53
C ILE A 242 -22.51 0.83 -11.85
N ALA A 243 -23.18 0.98 -12.99
CA ALA A 243 -22.54 0.67 -14.26
C ALA A 243 -21.44 1.64 -14.62
N GLU A 244 -21.46 2.83 -14.00
CA GLU A 244 -20.44 3.86 -14.23
C GLU A 244 -19.46 4.01 -13.02
N ALA A 245 -19.58 3.13 -12.04
CA ALA A 245 -18.71 3.18 -10.86
C ALA A 245 -17.26 2.95 -11.31
N VAL A 246 -16.34 3.44 -10.48
CA VAL A 246 -14.94 3.26 -10.79
C VAL A 246 -14.38 1.94 -10.25
N GLY A 247 -13.70 1.20 -11.14
CA GLY A 247 -12.82 0.15 -10.67
C GLY A 247 -13.38 -1.23 -10.40
N LEU A 248 -14.67 -1.42 -10.68
CA LEU A 248 -15.31 -2.69 -10.33
C LEU A 248 -14.99 -3.75 -11.37
N PRO A 249 -14.77 -4.97 -10.92
CA PRO A 249 -14.44 -6.07 -11.84
C PRO A 249 -15.71 -6.53 -12.56
N SER A 250 -15.54 -7.09 -13.75
CA SER A 250 -16.70 -7.52 -14.55
C SER A 250 -16.95 -9.02 -14.54
N ILE A 251 -16.07 -9.76 -13.87
CA ILE A 251 -16.19 -11.24 -13.80
C ILE A 251 -16.10 -11.69 -12.34
N PRO A 252 -16.78 -12.79 -11.97
CA PRO A 252 -16.72 -13.25 -10.59
C PRO A 252 -15.34 -13.73 -10.14
N VAL A 253 -15.03 -13.56 -8.85
CA VAL A 253 -13.71 -13.88 -8.34
C VAL A 253 -13.86 -14.43 -6.95
N HIS A 254 -13.07 -15.44 -6.58
CA HIS A 254 -13.18 -15.99 -5.25
C HIS A 254 -11.84 -16.61 -4.83
N PRO A 255 -11.44 -16.42 -3.56
CA PRO A 255 -10.18 -16.99 -3.08
C PRO A 255 -10.40 -18.29 -2.27
N ILE A 256 -9.41 -19.17 -2.38
CA ILE A 256 -9.42 -20.45 -1.67
C ILE A 256 -8.04 -20.78 -1.10
N GLY A 257 -8.00 -21.77 -0.18
CA GLY A 257 -6.75 -22.25 0.39
C GLY A 257 -6.16 -23.41 -0.41
N TYR A 258 -5.00 -23.90 0.02
CA TYR A 258 -4.26 -24.83 -0.84
C TYR A 258 -4.77 -26.28 -0.74
N TYR A 259 -5.46 -26.63 0.34
CA TYR A 259 -6.21 -27.96 0.28
C TYR A 259 -7.26 -27.98 -0.85
N ASP A 260 -8.08 -26.92 -0.96
CA ASP A 260 -9.04 -26.81 -2.04
C ASP A 260 -8.38 -26.63 -3.41
N ALA A 261 -7.30 -25.84 -3.45
CA ALA A 261 -6.63 -25.60 -4.72
C ALA A 261 -6.09 -26.94 -5.26
N GLN A 262 -5.52 -27.75 -4.38
CA GLN A 262 -4.99 -29.07 -4.80
C GLN A 262 -6.04 -29.89 -5.57
N LYS A 263 -7.26 -29.92 -5.05
CA LYS A 263 -8.36 -30.62 -5.70
C LYS A 263 -8.74 -30.05 -7.07
N LEU A 264 -8.60 -28.73 -7.25
CA LEU A 264 -8.92 -28.14 -8.55
C LEU A 264 -7.79 -28.31 -9.57
N LEU A 265 -6.54 -28.31 -9.11
CA LEU A 265 -5.38 -28.36 -9.99
C LEU A 265 -4.97 -29.81 -10.30
N GLU A 266 -5.28 -30.74 -9.41
CA GLU A 266 -4.74 -32.11 -9.61
C GLU A 266 -5.17 -32.79 -10.93
N LYS A 267 -6.36 -32.46 -11.41
CA LYS A 267 -6.87 -33.04 -12.65
C LYS A 267 -6.51 -32.31 -13.93
N MET A 268 -5.75 -31.22 -13.79
CA MET A 268 -5.50 -30.38 -14.96
C MET A 268 -4.68 -31.03 -16.09
N GLY A 269 -5.16 -30.83 -17.30
CA GLY A 269 -4.52 -31.34 -18.51
C GLY A 269 -4.00 -30.28 -19.45
N GLY A 270 -4.23 -30.46 -20.75
CA GLY A 270 -3.59 -29.58 -21.75
C GLY A 270 -2.08 -29.52 -21.60
N SER A 271 -1.50 -28.34 -21.82
CA SER A 271 -0.05 -28.16 -21.91
C SER A 271 0.67 -28.19 -20.59
N ALA A 272 1.92 -28.63 -20.58
CA ALA A 272 2.70 -28.63 -19.35
C ALA A 272 3.05 -27.16 -19.00
N PRO A 273 3.46 -26.92 -17.73
CA PRO A 273 4.00 -25.61 -17.35
C PRO A 273 5.18 -25.30 -18.27
N PRO A 274 5.32 -24.05 -18.74
CA PRO A 274 6.43 -23.75 -19.64
C PRO A 274 7.81 -23.86 -19.02
N ASP A 275 7.91 -23.70 -17.71
CA ASP A 275 9.18 -23.82 -17.02
C ASP A 275 8.93 -23.85 -15.53
N SER A 276 10.00 -23.99 -14.75
CA SER A 276 9.86 -24.24 -13.33
C SER A 276 9.32 -23.04 -12.52
N SER A 277 9.46 -21.82 -13.06
CA SER A 277 8.96 -20.58 -12.40
C SER A 277 7.42 -20.57 -12.31
N TRP A 278 6.79 -21.51 -13.01
CA TRP A 278 5.34 -21.72 -13.01
C TRP A 278 4.87 -22.81 -12.02
N ARG A 279 5.81 -23.57 -11.48
CA ARG A 279 5.51 -24.62 -10.56
C ARG A 279 5.55 -24.17 -9.09
N GLY A 280 4.43 -24.35 -8.38
CA GLY A 280 4.39 -24.15 -6.93
C GLY A 280 4.88 -25.40 -6.20
N SER A 281 4.49 -25.55 -4.93
CA SER A 281 4.98 -26.64 -4.08
C SER A 281 4.00 -27.80 -3.89
N LEU A 282 2.83 -27.72 -4.49
CA LEU A 282 1.84 -28.76 -4.27
C LEU A 282 2.23 -29.97 -5.15
N LYS A 283 1.67 -31.11 -4.82
CA LYS A 283 2.04 -32.34 -5.52
C LYS A 283 1.08 -32.52 -6.68
N VAL A 284 1.23 -31.61 -7.65
CA VAL A 284 0.44 -31.58 -8.88
C VAL A 284 1.37 -31.14 -10.04
N PRO A 285 0.98 -31.43 -11.28
CA PRO A 285 1.84 -31.10 -12.42
C PRO A 285 1.90 -29.61 -12.76
N TYR A 286 0.93 -28.83 -12.32
CA TYR A 286 0.87 -27.39 -12.72
C TYR A 286 0.68 -27.21 -14.22
N ASN A 287 -0.06 -28.15 -14.83
CA ASN A 287 -0.40 -28.02 -16.25
C ASN A 287 -1.24 -26.78 -16.43
N VAL A 288 -1.08 -26.15 -17.57
CA VAL A 288 -1.77 -24.87 -17.82
C VAL A 288 -3.20 -25.09 -18.30
N GLY A 289 -3.51 -26.31 -18.77
CA GLY A 289 -4.85 -26.54 -19.36
C GLY A 289 -4.88 -26.17 -20.83
N PRO A 290 -6.03 -25.76 -21.35
CA PRO A 290 -7.31 -25.64 -20.68
C PRO A 290 -7.91 -27.00 -20.29
N GLY A 291 -8.78 -27.01 -19.28
CA GLY A 291 -9.52 -28.23 -18.91
C GLY A 291 -8.70 -29.33 -18.24
N PHE A 292 -9.36 -30.46 -17.97
CA PHE A 292 -8.80 -31.56 -17.18
C PHE A 292 -8.29 -32.70 -18.11
N THR A 293 -7.51 -33.62 -17.56
CA THR A 293 -7.01 -34.76 -18.36
C THR A 293 -8.09 -35.76 -18.75
N GLY A 294 -7.81 -36.51 -19.83
CA GLY A 294 -8.79 -37.33 -20.55
C GLY A 294 -9.97 -37.91 -19.83
N ASN A 295 -9.73 -38.62 -18.73
CA ASN A 295 -10.81 -39.28 -17.99
C ASN A 295 -11.82 -38.32 -17.37
N PHE A 296 -11.38 -37.07 -17.15
CA PHE A 296 -12.18 -36.07 -16.48
C PHE A 296 -12.56 -34.94 -17.43
N SER A 297 -12.26 -35.12 -18.72
CA SER A 297 -12.43 -34.06 -19.69
C SER A 297 -13.83 -33.46 -19.71
N THR A 298 -14.82 -34.22 -19.25
CA THR A 298 -16.19 -33.73 -19.28
C THR A 298 -16.60 -33.02 -17.98
N GLN A 299 -15.74 -33.08 -16.96
CA GLN A 299 -15.99 -32.34 -15.72
C GLN A 299 -15.67 -30.85 -16.00
N LYS A 300 -16.40 -29.95 -15.35
CA LYS A 300 -16.14 -28.50 -15.44
C LYS A 300 -15.97 -27.92 -14.04
N VAL A 301 -15.57 -26.64 -13.98
CA VAL A 301 -15.54 -25.90 -12.71
C VAL A 301 -16.67 -24.88 -12.75
N LYS A 302 -17.37 -24.74 -11.63
CA LYS A 302 -18.46 -23.82 -11.50
C LYS A 302 -18.34 -22.95 -10.23
N MET A 303 -18.42 -21.64 -10.43
CA MET A 303 -18.31 -20.73 -9.32
C MET A 303 -19.72 -20.37 -8.88
N HIS A 304 -19.90 -20.03 -7.61
CA HIS A 304 -21.21 -19.57 -7.14
C HIS A 304 -20.93 -18.35 -6.26
N ILE A 305 -21.18 -17.16 -6.80
CA ILE A 305 -20.83 -15.91 -6.08
C ILE A 305 -22.08 -15.06 -5.95
N HIS A 306 -22.40 -14.72 -4.72
CA HIS A 306 -23.63 -14.01 -4.44
C HIS A 306 -23.46 -12.74 -3.59
N SER A 307 -22.20 -12.27 -3.47
CA SER A 307 -21.91 -11.11 -2.62
C SER A 307 -22.64 -9.92 -3.19
N THR A 308 -22.89 -8.91 -2.35
CA THR A 308 -23.57 -7.71 -2.84
C THR A 308 -22.82 -6.46 -2.43
N ASN A 309 -22.92 -5.45 -3.29
CA ASN A 309 -22.26 -4.18 -3.03
C ASN A 309 -23.32 -3.32 -2.39
N GLU A 310 -22.95 -2.56 -1.40
CA GLU A 310 -23.94 -1.68 -0.77
C GLU A 310 -23.34 -0.49 -0.09
N VAL A 311 -24.04 0.61 -0.27
CA VAL A 311 -23.56 1.86 0.29
C VAL A 311 -23.73 1.80 1.80
N THR A 312 -22.66 2.06 2.53
CA THR A 312 -22.56 1.78 3.96
C THR A 312 -21.76 2.92 4.67
N ARG A 313 -22.18 3.31 5.87
CA ARG A 313 -21.50 4.43 6.55
C ARG A 313 -20.17 3.92 7.15
N ILE A 314 -19.14 4.75 7.04
CA ILE A 314 -17.81 4.46 7.62
C ILE A 314 -17.41 5.66 8.48
N TYR A 315 -16.45 5.47 9.39
CA TYR A 315 -16.12 6.53 10.35
C TYR A 315 -14.62 6.66 10.50
N ASN A 316 -14.09 7.85 10.24
CA ASN A 316 -12.70 8.10 10.55
C ASN A 316 -12.63 8.81 11.86
N VAL A 317 -11.63 8.51 12.68
CA VAL A 317 -11.41 9.36 13.91
C VAL A 317 -10.26 10.35 13.60
N ILE A 318 -10.51 11.65 13.83
CA ILE A 318 -9.51 12.67 13.52
C ILE A 318 -9.17 13.46 14.78
N GLY A 319 -7.94 13.35 15.26
CA GLY A 319 -7.50 14.06 16.49
C GLY A 319 -6.58 15.19 16.13
N THR A 320 -6.69 16.32 16.85
CA THR A 320 -5.86 17.46 16.55
C THR A 320 -5.05 17.85 17.79
N LEU A 321 -3.77 18.08 17.62
CA LEU A 321 -2.94 18.70 18.66
C LEU A 321 -2.42 19.99 18.04
N ARG A 322 -3.05 21.09 18.42
CA ARG A 322 -2.71 22.40 17.82
C ARG A 322 -1.28 22.91 18.03
N GLY A 323 -0.63 23.37 16.95
CA GLY A 323 0.74 23.89 16.99
C GLY A 323 0.78 25.23 17.77
N ALA A 324 1.89 25.45 18.45
CA ALA A 324 2.07 26.67 19.28
C ALA A 324 2.47 27.86 18.43
N VAL A 325 3.19 27.62 17.33
CA VAL A 325 3.83 28.72 16.56
C VAL A 325 3.20 28.73 15.14
N GLU A 326 3.18 27.53 14.53
CA GLU A 326 2.54 27.41 13.17
C GLU A 326 1.36 26.46 13.13
N PRO A 327 0.21 26.82 13.73
CA PRO A 327 -1.00 26.00 13.83
C PRO A 327 -1.61 25.68 12.46
N ASP A 328 -1.25 26.50 11.46
CA ASP A 328 -1.74 26.26 10.08
C ASP A 328 -0.75 25.47 9.26
N ARG A 329 0.09 24.60 9.89
CA ARG A 329 0.94 23.70 9.17
C ARG A 329 0.67 22.34 9.80
N TYR A 330 0.36 21.34 8.97
CA TYR A 330 -0.14 20.04 9.50
C TYR A 330 0.84 18.95 9.21
N VAL A 331 1.18 18.21 10.27
CA VAL A 331 1.97 16.99 10.13
C VAL A 331 0.97 15.87 10.54
N ILE A 332 0.78 14.87 9.67
CA ILE A 332 -0.32 13.93 9.86
C ILE A 332 0.27 12.57 10.12
N LEU A 333 -0.19 11.91 11.18
CA LEU A 333 0.12 10.46 11.41
C LEU A 333 -1.19 9.72 11.28
N GLY A 334 -1.26 8.86 10.28
CA GLY A 334 -2.54 8.18 9.99
C GLY A 334 -2.35 6.67 9.76
N GLY A 335 -3.35 5.90 10.14
CA GLY A 335 -3.33 4.45 9.80
C GLY A 335 -4.76 3.99 9.92
N HIS A 336 -5.06 2.83 9.30
CA HIS A 336 -6.46 2.39 9.38
C HIS A 336 -6.76 1.49 10.60
N ARG A 337 -8.06 1.32 10.85
CA ARG A 337 -8.64 0.65 12.02
C ARG A 337 -9.44 -0.61 11.59
N ASP A 338 -10.07 -0.55 10.42
CA ASP A 338 -10.90 -1.69 9.94
C ASP A 338 -9.98 -2.87 9.60
N SER A 339 -10.51 -4.06 9.82
CA SER A 339 -9.70 -5.27 9.53
C SER A 339 -10.61 -6.22 8.81
N TRP A 340 -10.03 -7.27 8.21
CA TRP A 340 -10.86 -8.30 7.56
C TRP A 340 -11.48 -9.19 8.64
N VAL A 341 -10.67 -9.63 9.58
CA VAL A 341 -11.20 -10.35 10.75
C VAL A 341 -10.64 -9.72 12.05
N PHE A 342 -9.71 -10.36 12.74
CA PHE A 342 -9.24 -9.84 14.03
C PHE A 342 -8.16 -8.78 13.85
N GLY A 343 -7.46 -8.80 12.72
CA GLY A 343 -6.44 -7.74 12.43
C GLY A 343 -5.25 -7.72 13.37
N GLY A 344 -4.85 -8.92 13.84
CA GLY A 344 -3.74 -8.97 14.76
C GLY A 344 -2.45 -8.32 14.23
N ILE A 345 -2.16 -8.48 12.92
CA ILE A 345 -1.04 -7.72 12.35
C ILE A 345 -1.68 -6.53 11.59
N ASP A 346 -2.56 -6.85 10.66
CA ASP A 346 -3.12 -5.83 9.71
C ASP A 346 -4.56 -5.44 10.13
N PRO A 347 -4.79 -4.24 10.71
CA PRO A 347 -3.86 -3.12 10.98
C PRO A 347 -3.48 -2.89 12.43
N GLN A 348 -3.95 -3.77 13.34
CA GLN A 348 -3.90 -3.38 14.73
C GLN A 348 -2.47 -3.29 15.30
N SER A 349 -1.51 -3.93 14.66
CA SER A 349 -0.14 -3.76 15.10
C SER A 349 0.33 -2.33 14.83
N GLY A 350 -0.25 -1.70 13.80
CA GLY A 350 -0.01 -0.25 13.55
C GLY A 350 -0.86 0.63 14.42
N ALA A 351 -2.16 0.34 14.49
CA ALA A 351 -3.07 1.15 15.33
C ALA A 351 -2.65 1.23 16.77
N ALA A 352 -2.08 0.13 17.31
CA ALA A 352 -1.65 0.15 18.72
C ALA A 352 -0.47 1.08 18.90
N VAL A 353 0.40 1.12 17.88
CA VAL A 353 1.60 1.99 17.85
C VAL A 353 1.11 3.46 17.82
N VAL A 354 0.12 3.74 16.95
CA VAL A 354 -0.43 5.12 16.90
C VAL A 354 -1.03 5.52 18.25
N HIS A 355 -1.80 4.61 18.87
CA HIS A 355 -2.43 4.86 20.16
C HIS A 355 -1.38 5.25 21.20
N GLU A 356 -0.27 4.55 21.25
CA GLU A 356 0.78 4.83 22.24
C GLU A 356 1.50 6.13 21.89
N ILE A 357 1.63 6.44 20.60
CA ILE A 357 2.23 7.74 20.20
C ILE A 357 1.37 8.89 20.65
N VAL A 358 0.08 8.79 20.43
CA VAL A 358 -0.87 9.82 20.91
C VAL A 358 -0.74 9.96 22.42
N ARG A 359 -0.72 8.82 23.12
CA ARG A 359 -0.59 8.89 24.58
C ARG A 359 0.67 9.64 25.01
N SER A 360 1.82 9.35 24.39
CA SER A 360 3.06 10.01 24.74
C SER A 360 3.01 11.49 24.39
N PHE A 361 2.53 11.87 23.18
CA PHE A 361 2.43 13.31 22.90
C PHE A 361 1.51 13.98 23.90
N GLY A 362 0.38 13.35 24.24
CA GLY A 362 -0.58 13.88 25.19
C GLY A 362 0.04 14.06 26.60
N THR A 363 0.94 13.16 27.00
CA THR A 363 1.69 13.32 28.28
C THR A 363 2.49 14.62 28.32
N LEU A 364 3.22 14.91 27.25
CA LEU A 364 3.97 16.16 27.14
C LEU A 364 3.03 17.34 27.15
N LYS A 365 1.90 17.22 26.47
CA LYS A 365 0.98 18.32 26.38
C LYS A 365 0.42 18.66 27.75
N LYS A 366 0.14 17.63 28.55
CA LYS A 366 -0.44 17.86 29.89
C LYS A 366 0.53 18.58 30.81
N GLU A 367 1.81 18.51 30.49
CA GLU A 367 2.87 19.25 31.21
C GLU A 367 3.19 20.61 30.61
N GLY A 368 2.34 21.05 29.67
CA GLY A 368 2.40 22.41 29.12
C GLY A 368 3.09 22.55 27.78
N TRP A 369 3.48 21.44 27.16
CA TRP A 369 4.26 21.50 25.92
C TRP A 369 3.26 21.51 24.77
N ARG A 370 3.67 22.09 23.65
CA ARG A 370 2.89 21.98 22.39
C ARG A 370 3.92 21.91 21.32
N PRO A 371 3.62 21.15 20.24
CA PRO A 371 4.59 21.06 19.16
C PRO A 371 4.57 22.42 18.41
N ARG A 372 5.58 22.71 17.60
CA ARG A 372 5.66 24.01 16.86
C ARG A 372 4.47 24.07 15.86
N ARG A 373 4.36 23.00 15.08
CA ARG A 373 3.25 22.85 14.07
C ARG A 373 2.14 21.92 14.58
N THR A 374 0.95 21.98 13.97
CA THR A 374 -0.20 21.14 14.33
C THR A 374 0.06 19.69 13.91
N ILE A 375 -0.24 18.77 14.82
CA ILE A 375 -0.21 17.36 14.48
C ILE A 375 -1.64 16.85 14.42
N LEU A 376 -1.94 16.15 13.31
CA LEU A 376 -3.25 15.53 13.13
C LEU A 376 -3.00 14.01 13.21
N PHE A 377 -3.89 13.34 13.91
CA PHE A 377 -3.79 11.84 14.08
C PHE A 377 -5.06 11.28 13.49
N ALA A 378 -4.94 10.19 12.71
CA ALA A 378 -6.14 9.70 12.06
C ALA A 378 -6.21 8.17 12.24
N SER A 379 -7.43 7.72 12.47
CA SER A 379 -7.79 6.28 12.50
C SER A 379 -8.75 6.09 11.32
N TRP A 380 -8.23 5.60 10.20
CA TRP A 380 -9.03 5.57 9.01
C TRP A 380 -9.96 4.36 8.96
N ASP A 381 -11.11 4.50 8.28
CA ASP A 381 -11.98 3.33 8.14
C ASP A 381 -11.93 2.86 6.69
N ALA A 382 -12.42 1.64 6.45
CA ALA A 382 -12.60 1.09 5.12
C ALA A 382 -11.32 1.04 4.26
N ALA A 383 -10.13 0.96 4.86
CA ALA A 383 -8.91 0.88 4.05
C ALA A 383 -8.93 -0.42 3.28
N GLU A 384 -9.45 -1.44 3.92
CA GLU A 384 -9.43 -2.78 3.26
C GLU A 384 -10.28 -2.83 1.99
N PHE A 385 -11.22 -1.87 1.86
CA PHE A 385 -12.11 -1.83 0.71
C PHE A 385 -11.68 -0.81 -0.35
N GLY A 386 -10.41 -0.41 -0.27
CA GLY A 386 -9.81 0.46 -1.28
C GLY A 386 -9.35 1.83 -0.75
N LEU A 387 -8.87 1.89 0.48
CA LEU A 387 -8.30 3.18 1.05
C LEU A 387 -9.45 4.22 1.09
N LEU A 388 -10.67 3.73 1.37
CA LEU A 388 -11.84 4.64 1.12
C LEU A 388 -11.92 5.77 2.16
N GLY A 389 -11.68 5.47 3.40
CA GLY A 389 -11.79 6.47 4.51
C GLY A 389 -10.76 7.59 4.35
N SER A 390 -9.49 7.22 4.13
CA SER A 390 -8.45 8.28 3.98
C SER A 390 -8.78 9.11 2.72
N THR A 391 -9.15 8.43 1.62
CA THR A 391 -9.38 9.14 0.36
C THR A 391 -10.56 10.09 0.46
N GLU A 392 -11.68 9.65 1.05
CA GLU A 392 -12.89 10.55 1.12
C GLU A 392 -12.52 11.74 2.00
N TRP A 393 -11.81 11.50 3.11
CA TRP A 393 -11.42 12.63 3.99
C TRP A 393 -10.51 13.64 3.29
N ALA A 394 -9.52 13.14 2.55
CA ALA A 394 -8.66 13.98 1.79
C ALA A 394 -9.43 14.72 0.71
N GLU A 395 -10.42 14.07 0.08
CA GLU A 395 -11.25 14.75 -0.96
C GLU A 395 -12.00 15.90 -0.29
N GLU A 396 -12.50 15.63 0.91
CA GLU A 396 -13.26 16.68 1.62
C GLU A 396 -12.32 17.86 1.95
N ASN A 397 -11.13 17.57 2.44
CA ASN A 397 -10.19 18.59 2.99
C ASN A 397 -9.07 18.97 2.07
N SER A 398 -9.21 18.69 0.76
CA SER A 398 -8.06 18.81 -0.17
C SER A 398 -7.47 20.22 -0.16
N ARG A 399 -8.31 21.25 -0.05
CA ARG A 399 -7.75 22.62 -0.10
C ARG A 399 -6.90 22.93 1.16
N LEU A 400 -7.34 22.42 2.29
CA LEU A 400 -6.56 22.65 3.52
C LEU A 400 -5.25 21.87 3.39
N LEU A 401 -5.35 20.63 2.89
CA LEU A 401 -4.13 19.81 2.85
C LEU A 401 -3.14 20.32 1.85
N GLN A 402 -3.62 20.72 0.67
CA GLN A 402 -2.70 21.22 -0.29
C GLN A 402 -1.96 22.50 0.10
N GLU A 403 -2.61 23.35 0.88
CA GLU A 403 -1.96 24.62 1.22
C GLU A 403 -1.26 24.57 2.59
N ARG A 404 -1.53 23.54 3.38
CA ARG A 404 -1.00 23.47 4.71
C ARG A 404 -0.28 22.18 5.06
N GLY A 405 -0.32 21.18 4.17
CA GLY A 405 0.16 19.83 4.55
C GLY A 405 1.66 19.78 4.45
N VAL A 406 2.29 19.55 5.58
CA VAL A 406 3.74 19.37 5.60
C VAL A 406 4.17 17.95 5.18
N ALA A 407 3.58 16.97 5.87
CA ALA A 407 3.97 15.57 5.69
C ALA A 407 2.92 14.66 6.23
N TYR A 408 2.93 13.44 5.66
CA TYR A 408 2.04 12.37 6.10
C TYR A 408 2.94 11.17 6.40
N ILE A 409 2.83 10.68 7.64
CA ILE A 409 3.47 9.41 8.01
C ILE A 409 2.38 8.34 8.21
N ASN A 410 2.53 7.22 7.47
CA ASN A 410 1.51 6.19 7.53
C ASN A 410 1.73 5.29 8.75
N ALA A 411 0.71 4.52 9.16
CA ALA A 411 0.88 3.67 10.34
C ALA A 411 -0.08 2.46 10.20
N ASP A 412 0.04 1.74 9.08
CA ASP A 412 -0.55 0.38 9.03
C ASP A 412 0.42 -0.53 9.82
N SER A 413 0.38 -1.83 9.52
CA SER A 413 1.08 -2.78 10.40
C SER A 413 2.53 -2.38 10.74
N SER A 414 2.85 -2.46 12.02
CA SER A 414 4.23 -2.15 12.45
C SER A 414 5.22 -3.28 12.18
N ILE A 415 4.71 -4.50 11.93
CA ILE A 415 5.57 -5.66 11.62
C ILE A 415 5.04 -6.48 10.48
N GLU A 416 5.92 -7.04 9.65
CA GLU A 416 5.53 -8.10 8.72
C GLU A 416 6.62 -9.20 8.74
N GLY A 417 7.46 -9.11 9.75
CA GLY A 417 8.63 -10.00 9.91
C GLY A 417 9.40 -9.47 11.12
N ASN A 418 10.51 -10.12 11.45
CA ASN A 418 11.25 -9.66 12.61
C ASN A 418 12.75 -9.53 12.29
N TYR A 419 13.07 -9.28 11.01
CA TYR A 419 14.44 -9.31 10.55
C TYR A 419 15.12 -7.95 10.66
N THR A 420 14.51 -6.93 10.04
CA THR A 420 15.12 -5.60 10.09
C THR A 420 14.08 -4.53 9.70
N LEU A 421 14.53 -3.29 9.71
CA LEU A 421 13.64 -2.14 9.40
C LEU A 421 13.39 -2.07 7.94
N ARG A 422 12.19 -1.57 7.59
CA ARG A 422 11.85 -1.30 6.23
C ARG A 422 11.34 0.14 6.23
N VAL A 423 11.85 0.96 5.32
CA VAL A 423 11.32 2.34 5.19
C VAL A 423 11.07 2.58 3.71
N ASP A 424 9.89 3.13 3.36
CA ASP A 424 9.63 3.57 1.98
C ASP A 424 9.19 5.04 2.16
N CYS A 425 9.78 5.93 1.41
CA CYS A 425 9.46 7.35 1.61
C CYS A 425 9.93 8.21 0.49
N THR A 426 9.49 9.47 0.50
CA THR A 426 10.02 10.43 -0.45
C THR A 426 11.52 10.73 -0.19
N PRO A 427 12.29 11.00 -1.24
CA PRO A 427 13.69 11.43 -1.03
C PRO A 427 13.82 12.57 -0.04
N LEU A 428 12.82 13.47 0.06
CA LEU A 428 12.91 14.60 0.99
C LEU A 428 13.11 14.15 2.47
N MET A 429 12.72 12.91 2.78
CA MET A 429 12.86 12.44 4.15
C MET A 429 14.07 11.53 4.36
N TYR A 430 14.88 11.30 3.35
CA TYR A 430 16.00 10.33 3.53
C TYR A 430 16.92 10.76 4.68
N SER A 431 17.30 12.04 4.66
CA SER A 431 18.24 12.53 5.73
C SER A 431 17.63 12.49 7.11
N LEU A 432 16.36 12.84 7.23
CA LEU A 432 15.65 12.75 8.49
C LEU A 432 15.71 11.29 9.02
N VAL A 433 15.42 10.34 8.13
CA VAL A 433 15.38 8.91 8.53
C VAL A 433 16.78 8.43 8.96
N HIS A 434 17.79 8.78 8.19
CA HIS A 434 19.17 8.34 8.50
C HIS A 434 19.56 8.91 9.86
N ASN A 435 19.30 10.21 10.07
CA ASN A 435 19.66 10.85 11.33
C ASN A 435 18.91 10.27 12.51
N LEU A 436 17.62 10.01 12.36
CA LEU A 436 16.84 9.58 13.51
C LEU A 436 17.29 8.19 13.90
N THR A 437 17.50 7.34 12.91
CA THR A 437 17.84 5.92 13.16
C THR A 437 19.23 5.78 13.80
N LYS A 438 20.07 6.76 13.58
CA LYS A 438 21.41 6.79 14.22
C LYS A 438 21.30 7.05 15.71
N GLU A 439 20.20 7.59 16.16
CA GLU A 439 19.98 7.99 17.56
C GLU A 439 19.11 7.01 18.32
N LEU A 440 18.60 6.01 17.61
CA LEU A 440 17.69 5.01 18.23
C LEU A 440 18.50 3.72 18.47
N LYS A 441 18.15 2.97 19.49
CA LYS A 441 18.85 1.68 19.79
C LYS A 441 18.32 0.54 18.90
N SER A 442 19.20 -0.31 18.39
CA SER A 442 18.74 -1.52 17.67
C SER A 442 18.08 -2.52 18.62
N PRO A 443 16.96 -3.10 18.21
CA PRO A 443 16.33 -4.12 19.04
C PRO A 443 16.82 -5.53 18.69
N ASP A 444 17.68 -5.63 17.66
CA ASP A 444 18.09 -6.88 17.04
C ASP A 444 19.10 -7.64 17.93
N GLU A 445 18.94 -8.96 17.94
CA GLU A 445 19.92 -9.83 18.65
C GLU A 445 21.26 -9.68 17.97
N GLY A 446 22.31 -9.49 18.76
CA GLY A 446 23.63 -9.39 18.16
C GLY A 446 24.01 -7.95 17.92
N PHE A 447 23.07 -7.03 18.09
CA PHE A 447 23.36 -5.60 17.89
C PHE A 447 23.03 -4.84 19.13
N GLU A 448 23.10 -5.50 20.29
CA GLU A 448 22.80 -4.77 21.50
C GLU A 448 23.84 -3.67 21.76
N GLY A 449 23.38 -2.49 22.16
CA GLY A 449 24.27 -1.32 22.27
C GLY A 449 24.68 -0.66 20.94
N LYS A 450 24.19 -1.19 19.82
CA LYS A 450 24.43 -0.53 18.55
C LYS A 450 23.16 0.21 18.12
N SER A 451 23.32 1.13 17.19
CA SER A 451 22.17 1.95 16.71
C SER A 451 21.33 1.11 15.74
N LEU A 452 20.07 1.51 15.61
CA LEU A 452 19.16 0.98 14.58
C LEU A 452 19.73 1.23 13.18
N TYR A 453 20.34 2.40 12.95
CA TYR A 453 20.98 2.67 11.67
C TYR A 453 22.01 1.57 11.36
N GLU A 454 22.80 1.19 12.37
CA GLU A 454 23.86 0.22 12.14
C GLU A 454 23.30 -1.17 11.77
N SER A 455 22.28 -1.61 12.51
CA SER A 455 21.72 -2.95 12.23
C SER A 455 21.00 -2.99 10.90
N TRP A 456 20.20 -1.95 10.67
CA TRP A 456 19.46 -1.80 9.41
C TRP A 456 20.38 -1.77 8.20
N THR A 457 21.46 -0.97 8.26
CA THR A 457 22.35 -0.87 7.12
C THR A 457 23.08 -2.18 6.82
N LYS A 458 23.44 -2.89 7.89
CA LYS A 458 24.08 -4.19 7.72
C LYS A 458 23.14 -5.23 7.10
N LYS A 459 21.89 -5.29 7.59
CA LYS A 459 20.90 -6.30 7.12
C LYS A 459 20.21 -5.97 5.81
N SER A 460 20.15 -4.68 5.47
CA SER A 460 19.43 -4.22 4.26
C SER A 460 20.27 -3.17 3.53
N PRO A 461 21.41 -3.60 2.94
CA PRO A 461 22.32 -2.60 2.38
C PRO A 461 21.71 -1.92 1.19
N SER A 462 21.96 -0.63 1.05
CA SER A 462 21.59 0.08 -0.16
C SER A 462 22.24 -0.56 -1.39
N PRO A 463 21.48 -0.72 -2.49
CA PRO A 463 22.15 -1.24 -3.70
C PRO A 463 23.13 -0.22 -4.28
N GLU A 464 22.83 1.08 -4.10
CA GLU A 464 23.66 2.15 -4.65
C GLU A 464 24.88 2.57 -3.79
N PHE A 465 24.74 2.67 -2.47
CA PHE A 465 25.77 3.34 -1.67
C PHE A 465 26.33 2.56 -0.48
N SER A 466 27.65 2.54 -0.36
CA SER A 466 28.29 1.80 0.72
C SER A 466 27.96 2.49 2.04
N GLY A 467 27.64 1.70 3.06
CA GLY A 467 27.50 2.24 4.41
C GLY A 467 26.18 2.97 4.61
N MET A 468 25.31 2.83 3.61
CA MET A 468 23.89 3.33 3.66
C MET A 468 22.86 2.17 3.60
N PRO A 469 21.68 2.35 4.26
CA PRO A 469 20.59 1.38 4.16
C PRO A 469 19.70 1.57 2.93
N ARG A 470 18.97 0.52 2.56
CA ARG A 470 18.01 0.57 1.46
C ARG A 470 16.75 1.32 1.93
N ILE A 471 16.28 2.24 1.09
CA ILE A 471 14.98 2.89 1.32
C ILE A 471 14.26 2.82 -0.01
N SER A 472 13.02 2.32 -0.02
CA SER A 472 12.32 2.05 -1.26
C SER A 472 11.45 3.25 -1.62
N LYS A 473 11.00 3.24 -2.86
CA LYS A 473 10.04 4.23 -3.39
C LYS A 473 8.70 3.88 -2.74
N LEU A 474 7.83 4.86 -2.60
CA LEU A 474 6.46 4.58 -2.16
C LEU A 474 5.70 4.07 -3.33
N GLY A 475 4.98 2.95 -3.13
CA GLY A 475 4.06 2.52 -4.18
C GLY A 475 2.66 2.90 -3.79
N SER A 476 1.82 1.87 -3.62
CA SER A 476 0.47 2.12 -3.15
C SER A 476 -0.05 0.88 -2.42
N GLY A 477 -1.38 0.78 -2.27
CA GLY A 477 -1.90 -0.30 -1.42
C GLY A 477 -1.97 0.11 0.06
N ASN A 478 -1.80 1.43 0.36
CA ASN A 478 -1.95 1.89 1.73
C ASN A 478 -2.29 3.38 1.78
N ASP A 479 -2.65 3.85 2.98
CA ASP A 479 -3.39 5.13 3.08
C ASP A 479 -2.61 6.36 2.78
N PHE A 480 -1.29 6.23 2.52
CA PHE A 480 -0.59 7.43 2.08
C PHE A 480 -0.91 7.78 0.60
N GLU A 481 -1.59 6.89 -0.16
CA GLU A 481 -1.76 7.07 -1.61
C GLU A 481 -2.37 8.45 -1.95
N VAL A 482 -3.45 8.82 -1.26
CA VAL A 482 -4.10 10.09 -1.68
C VAL A 482 -3.20 11.27 -1.34
N PHE A 483 -2.57 11.19 -0.16
CA PHE A 483 -1.68 12.31 0.21
C PHE A 483 -0.47 12.49 -0.68
N PHE A 484 0.15 11.40 -1.10
CA PHE A 484 1.38 11.49 -1.87
C PHE A 484 1.11 11.58 -3.37
N GLN A 485 0.44 10.56 -3.95
CA GLN A 485 0.29 10.51 -5.39
C GLN A 485 -0.83 11.47 -5.92
N ARG A 486 -1.84 11.78 -5.09
CA ARG A 486 -2.86 12.76 -5.60
C ARG A 486 -2.49 14.19 -5.22
N LEU A 487 -2.17 14.42 -3.94
CA LEU A 487 -2.01 15.80 -3.41
C LEU A 487 -0.57 16.30 -3.34
N GLY A 488 0.41 15.41 -3.44
CA GLY A 488 1.82 15.81 -3.47
C GLY A 488 2.30 16.32 -2.11
N ILE A 489 1.89 15.61 -1.05
CA ILE A 489 2.37 15.88 0.34
C ILE A 489 3.48 14.86 0.68
N ALA A 490 4.65 15.35 1.09
CA ALA A 490 5.78 14.43 1.42
C ALA A 490 5.28 13.36 2.34
N SER A 491 5.50 12.10 1.97
CA SER A 491 4.97 10.99 2.79
C SER A 491 6.05 9.93 3.07
N GLY A 492 5.83 9.17 4.14
CA GLY A 492 6.76 8.03 4.46
C GLY A 492 6.01 6.94 5.25
N ARG A 493 6.66 5.79 5.33
CA ARG A 493 6.13 4.65 6.10
C ARG A 493 7.36 3.86 6.59
N ALA A 494 7.18 3.20 7.74
CA ALA A 494 8.30 2.34 8.27
C ALA A 494 7.67 1.18 9.02
N ARG A 495 8.31 0.01 8.93
CA ARG A 495 7.82 -1.14 9.74
C ARG A 495 8.97 -2.11 9.83
N TYR A 496 8.87 -3.07 10.74
CA TYR A 496 9.81 -4.19 10.70
C TYR A 496 9.40 -5.20 9.66
N THR A 497 10.38 -5.81 8.99
CA THR A 497 10.10 -6.66 7.85
C THR A 497 10.89 -7.99 7.89
N LYS A 498 10.59 -8.86 6.94
CA LYS A 498 11.23 -10.18 6.81
C LYS A 498 12.48 -10.08 5.93
N ASN A 499 13.20 -11.20 5.81
CA ASN A 499 14.29 -11.36 4.85
C ASN A 499 13.83 -12.38 3.81
N TRP A 500 12.94 -11.98 2.90
CA TRP A 500 12.46 -12.90 1.84
C TRP A 500 12.19 -12.10 0.54
N GLU A 501 13.29 -11.59 -0.05
CA GLU A 501 13.24 -10.62 -1.17
C GLU A 501 12.17 -10.89 -2.22
N THR A 502 12.17 -12.12 -2.73
CA THR A 502 11.25 -12.54 -3.79
C THR A 502 9.75 -12.52 -3.37
N ASN A 503 9.52 -12.43 -2.06
CA ASN A 503 8.16 -12.39 -1.52
C ASN A 503 7.75 -10.99 -1.09
N LYS A 504 8.52 -9.95 -1.47
CA LYS A 504 8.31 -8.63 -0.90
C LYS A 504 6.84 -8.15 -0.98
N PHE A 505 6.20 -8.43 -2.11
CA PHE A 505 4.82 -7.94 -2.36
C PHE A 505 3.77 -9.02 -2.15
N SER A 506 4.19 -10.13 -1.56
CA SER A 506 3.25 -11.27 -1.44
C SER A 506 2.50 -11.31 -0.12
N GLY A 507 2.93 -10.55 0.90
CA GLY A 507 2.31 -10.65 2.21
C GLY A 507 2.97 -11.81 3.00
N TYR A 508 2.89 -11.69 4.32
CA TYR A 508 3.37 -12.72 5.27
C TYR A 508 2.35 -13.86 5.22
N PRO A 509 2.73 -15.07 5.68
CA PRO A 509 1.86 -16.19 5.38
C PRO A 509 0.41 -16.07 5.82
N LEU A 510 0.11 -15.48 6.97
CA LEU A 510 -1.28 -15.48 7.49
C LEU A 510 -2.03 -14.18 7.12
N TYR A 511 -1.42 -13.45 6.19
CA TYR A 511 -2.01 -12.15 5.68
C TYR A 511 -3.49 -12.32 5.35
N HIS A 512 -4.33 -11.47 5.95
CA HIS A 512 -5.80 -11.33 5.65
C HIS A 512 -6.58 -12.65 5.86
N SER A 513 -6.00 -13.49 6.72
CA SER A 513 -6.66 -14.72 7.11
C SER A 513 -7.26 -14.60 8.61
N VAL A 514 -8.16 -15.52 8.94
CA VAL A 514 -8.75 -15.54 10.29
C VAL A 514 -7.62 -15.81 11.33
N TYR A 515 -6.46 -16.36 10.89
CA TYR A 515 -5.37 -16.77 11.83
C TYR A 515 -4.51 -15.58 12.28
N GLU A 516 -4.76 -14.38 11.69
CA GLU A 516 -4.01 -13.20 12.07
C GLU A 516 -4.56 -12.63 13.41
N THR A 517 -4.02 -13.11 14.54
CA THR A 517 -4.59 -12.83 15.84
C THR A 517 -3.54 -12.19 16.74
N TYR A 518 -3.97 -11.75 17.91
CA TYR A 518 -3.08 -11.27 18.94
C TYR A 518 -2.04 -12.36 19.27
N GLU A 519 -2.50 -13.61 19.29
CA GLU A 519 -1.56 -14.73 19.64
C GLU A 519 -0.46 -14.92 18.62
N LEU A 520 -0.80 -14.72 17.35
CA LEU A 520 0.20 -14.77 16.33
C LEU A 520 1.35 -13.82 16.66
N VAL A 521 1.00 -12.58 17.02
CA VAL A 521 2.01 -11.60 17.29
C VAL A 521 2.80 -11.92 18.57
N GLU A 522 2.09 -12.13 19.66
CA GLU A 522 2.69 -12.30 20.99
C GLU A 522 3.53 -13.58 21.06
N LYS A 523 3.15 -14.61 20.30
CA LYS A 523 3.90 -15.88 20.38
C LYS A 523 5.03 -15.99 19.35
N PHE A 524 4.79 -15.49 18.12
CA PHE A 524 5.70 -15.81 17.03
C PHE A 524 6.44 -14.58 16.51
N TYR A 525 5.76 -13.44 16.41
CA TYR A 525 6.44 -12.30 15.77
C TYR A 525 7.25 -11.45 16.73
N ASP A 526 6.68 -11.07 17.86
CA ASP A 526 7.30 -10.04 18.72
C ASP A 526 6.92 -10.17 20.17
N PRO A 527 7.36 -11.28 20.81
CA PRO A 527 6.99 -11.55 22.18
C PRO A 527 7.24 -10.45 23.18
N MET A 528 8.33 -9.73 23.02
CA MET A 528 8.71 -8.70 23.97
C MET A 528 8.20 -7.33 23.50
N PHE A 529 7.53 -7.30 22.35
CA PHE A 529 7.05 -6.00 21.79
C PHE A 529 8.17 -4.99 21.55
N LYS A 530 9.40 -5.50 21.40
CA LYS A 530 10.54 -4.60 21.15
C LYS A 530 10.55 -4.08 19.71
N TYR A 531 10.06 -4.86 18.76
CA TYR A 531 10.09 -4.40 17.35
C TYR A 531 8.98 -3.35 17.24
N HIS A 532 7.81 -3.61 17.83
CA HIS A 532 6.75 -2.60 17.90
C HIS A 532 7.27 -1.30 18.54
N LEU A 533 7.98 -1.42 19.66
CA LEU A 533 8.51 -0.23 20.26
C LEU A 533 9.46 0.52 19.32
N THR A 534 10.33 -0.20 18.62
CA THR A 534 11.32 0.39 17.68
C THR A 534 10.56 1.16 16.60
N VAL A 535 9.51 0.52 16.09
CA VAL A 535 8.70 1.19 15.04
C VAL A 535 7.96 2.39 15.61
N ALA A 536 7.50 2.32 16.84
CA ALA A 536 6.86 3.50 17.43
C ALA A 536 7.88 4.64 17.53
N GLN A 537 9.11 4.30 17.91
CA GLN A 537 10.17 5.32 17.95
C GLN A 537 10.45 5.99 16.60
N VAL A 538 10.50 5.18 15.53
CA VAL A 538 10.77 5.67 14.17
C VAL A 538 9.59 6.54 13.72
N ARG A 539 8.39 6.00 13.79
CA ARG A 539 7.23 6.80 13.27
C ARG A 539 7.02 8.03 14.13
N GLY A 540 7.03 7.84 15.46
CA GLY A 540 6.85 8.96 16.41
C GLY A 540 7.97 10.01 16.33
N GLY A 541 9.21 9.54 16.19
CA GLY A 541 10.40 10.41 16.04
C GLY A 541 10.30 11.24 14.75
N MET A 542 9.83 10.61 13.68
CA MET A 542 9.63 11.35 12.41
C MET A 542 8.62 12.45 12.61
N VAL A 543 7.47 12.11 13.20
CA VAL A 543 6.39 13.07 13.42
C VAL A 543 6.94 14.21 14.29
N PHE A 544 7.63 13.83 15.37
CA PHE A 544 8.15 14.84 16.28
C PHE A 544 9.05 15.88 15.58
N GLU A 545 9.97 15.40 14.77
CA GLU A 545 10.95 16.27 14.08
C GLU A 545 10.19 17.09 13.05
N LEU A 546 9.34 16.44 12.27
CA LEU A 546 8.54 17.23 11.32
C LEU A 546 7.70 18.32 11.97
N ALA A 547 7.09 18.05 13.14
CA ALA A 547 6.20 19.01 13.75
C ALA A 547 6.99 20.04 14.59
N ASN A 548 8.27 19.75 14.89
CA ASN A 548 9.03 20.62 15.85
C ASN A 548 10.27 21.32 15.41
N SER A 549 10.95 20.81 14.39
CA SER A 549 12.18 21.39 13.89
C SER A 549 11.87 22.79 13.36
N ILE A 550 12.78 23.72 13.65
CA ILE A 550 12.50 25.10 13.20
C ILE A 550 12.52 25.17 11.68
N VAL A 551 13.55 24.58 11.08
CA VAL A 551 13.61 24.45 9.63
C VAL A 551 13.06 23.05 9.34
N LEU A 552 12.15 22.93 8.36
CA LEU A 552 11.63 21.58 8.07
C LEU A 552 12.75 20.64 7.72
N PRO A 553 12.66 19.37 8.22
CA PRO A 553 13.78 18.44 8.05
C PRO A 553 13.75 17.69 6.72
N PHE A 554 13.74 18.46 5.64
CA PHE A 554 13.78 17.93 4.28
C PHE A 554 15.06 18.34 3.61
N ASP A 555 15.66 17.44 2.83
CA ASP A 555 16.85 17.81 2.06
C ASP A 555 16.58 17.68 0.57
N CYS A 556 16.31 18.84 -0.08
CA CYS A 556 16.10 18.79 -1.54
C CYS A 556 17.22 18.18 -2.34
N ARG A 557 18.50 18.20 -1.88
CA ARG A 557 19.54 17.57 -2.65
C ARG A 557 19.39 16.06 -2.84
N ASP A 558 18.71 15.41 -1.90
CA ASP A 558 18.48 13.96 -1.99
C ASP A 558 17.52 13.70 -3.16
N TYR A 559 16.61 14.64 -3.40
CA TYR A 559 15.74 14.43 -4.62
C TYR A 559 16.58 14.53 -5.88
N ALA A 560 17.56 15.45 -5.90
CA ALA A 560 18.39 15.61 -7.11
C ALA A 560 19.15 14.32 -7.49
N VAL A 561 19.69 13.65 -6.47
CA VAL A 561 20.40 12.42 -6.64
C VAL A 561 19.46 11.36 -7.24
N VAL A 562 18.25 11.22 -6.68
CA VAL A 562 17.41 10.12 -7.19
C VAL A 562 16.87 10.43 -8.58
N LEU A 563 16.60 11.72 -8.82
CA LEU A 563 16.11 12.09 -10.18
C LEU A 563 17.09 11.67 -11.26
N ARG A 564 18.39 11.80 -10.97
CA ARG A 564 19.38 11.42 -11.95
C ARG A 564 19.38 9.90 -12.14
N LYS A 565 19.30 9.17 -11.03
CA LYS A 565 19.15 7.70 -11.08
C LYS A 565 17.92 7.27 -11.94
N TYR A 566 16.77 7.93 -11.71
CA TYR A 566 15.56 7.55 -12.50
C TYR A 566 15.69 7.95 -13.94
N ALA A 567 16.30 9.11 -14.21
CA ALA A 567 16.51 9.50 -15.61
C ALA A 567 17.46 8.51 -16.31
N ASP A 568 18.58 8.15 -15.67
CA ASP A 568 19.40 7.05 -16.29
C ASP A 568 18.59 5.75 -16.57
N LYS A 569 17.72 5.41 -15.64
CA LYS A 569 16.98 4.19 -15.75
C LYS A 569 16.01 4.23 -16.91
N ILE A 570 15.25 5.33 -17.03
CA ILE A 570 14.26 5.36 -18.10
C ILE A 570 14.92 5.50 -19.49
N TYR A 571 16.05 6.24 -19.56
CA TYR A 571 16.84 6.32 -20.77
C TYR A 571 17.32 4.89 -21.18
N SER A 572 17.80 4.11 -20.22
CA SER A 572 18.26 2.73 -20.50
C SER A 572 17.16 1.86 -21.06
N ILE A 573 15.93 2.00 -20.54
CA ILE A 573 14.82 1.28 -21.10
C ILE A 573 14.57 1.65 -22.56
N SER A 574 14.65 2.94 -22.87
CA SER A 574 14.33 3.43 -24.22
C SER A 574 15.41 2.92 -25.18
N MET A 575 16.62 2.88 -24.66
CA MET A 575 17.82 2.54 -25.48
C MET A 575 17.87 1.07 -25.86
N LYS A 576 16.90 0.29 -25.40
CA LYS A 576 16.65 -1.05 -25.94
C LYS A 576 16.11 -0.97 -27.37
N HIS A 577 15.74 0.23 -27.84
CA HIS A 577 15.09 0.42 -29.15
C HIS A 577 15.82 1.47 -29.97
N PRO A 578 17.14 1.28 -30.20
CA PRO A 578 17.92 2.38 -30.80
C PRO A 578 17.46 2.77 -32.18
N GLN A 579 17.00 1.82 -33.00
CA GLN A 579 16.52 2.15 -34.34
C GLN A 579 15.32 3.10 -34.26
N GLU A 580 14.39 2.81 -33.33
CA GLU A 580 13.22 3.68 -33.22
C GLU A 580 13.60 5.04 -32.68
N MET A 581 14.58 5.11 -31.77
CA MET A 581 14.94 6.43 -31.26
C MET A 581 15.54 7.24 -32.37
N LYS A 582 16.29 6.57 -33.28
CA LYS A 582 16.81 7.28 -34.46
C LYS A 582 15.69 7.79 -35.40
N THR A 583 14.77 6.89 -35.76
CA THR A 583 13.71 7.14 -36.70
C THR A 583 12.82 8.29 -36.23
N TYR A 584 12.47 8.27 -34.94
CA TYR A 584 11.50 9.24 -34.42
C TYR A 584 12.16 10.39 -33.64
N SER A 585 13.51 10.45 -33.64
CA SER A 585 14.24 11.55 -33.01
C SER A 585 13.91 11.68 -31.54
N VAL A 586 13.97 10.56 -30.84
CA VAL A 586 13.57 10.53 -29.43
C VAL A 586 14.76 10.89 -28.59
N SER A 587 14.76 12.11 -28.03
CA SER A 587 15.89 12.60 -27.21
C SER A 587 15.48 12.73 -25.76
N PHE A 588 16.34 12.25 -24.88
CA PHE A 588 16.18 12.50 -23.43
C PHE A 588 16.96 13.73 -22.99
N ASP A 589 17.51 14.49 -23.95
CA ASP A 589 18.35 15.66 -23.55
C ASP A 589 17.64 16.65 -22.63
N SER A 590 16.35 16.93 -22.89
CA SER A 590 15.63 17.89 -22.03
C SER A 590 15.48 17.39 -20.59
N LEU A 591 15.28 16.08 -20.43
CA LEU A 591 15.10 15.55 -19.09
C LEU A 591 16.40 15.60 -18.29
N PHE A 592 17.50 15.19 -18.91
CA PHE A 592 18.78 15.36 -18.23
C PHE A 592 19.14 16.80 -17.92
N SER A 593 18.85 17.71 -18.86
CA SER A 593 19.04 19.14 -18.59
C SER A 593 18.28 19.62 -17.36
N ALA A 594 17.01 19.23 -17.27
CA ALA A 594 16.19 19.60 -16.16
C ALA A 594 16.76 19.07 -14.82
N VAL A 595 17.20 17.81 -14.87
CA VAL A 595 17.76 17.14 -13.66
C VAL A 595 19.05 17.89 -13.25
N LYS A 596 19.89 18.20 -14.22
CA LYS A 596 21.10 19.04 -13.96
C LYS A 596 20.77 20.37 -13.33
N ASN A 597 19.76 21.09 -13.86
CA ASN A 597 19.35 22.30 -13.26
C ASN A 597 18.78 22.18 -11.84
N PHE A 598 17.98 21.11 -11.60
CA PHE A 598 17.43 20.84 -10.32
C PHE A 598 18.62 20.68 -9.32
N THR A 599 19.63 19.96 -9.79
CA THR A 599 20.80 19.62 -8.91
C THR A 599 21.52 20.91 -8.52
N GLU A 600 21.79 21.75 -9.54
CA GLU A 600 22.39 23.09 -9.32
C GLU A 600 21.58 24.02 -8.45
N ILE A 601 20.26 24.17 -8.71
CA ILE A 601 19.46 25.00 -7.89
C ILE A 601 19.26 24.50 -6.49
N ALA A 602 19.14 23.17 -6.35
CA ALA A 602 18.91 22.60 -5.01
C ALA A 602 20.20 22.85 -4.18
N SER A 603 21.34 22.72 -4.83
CA SER A 603 22.63 23.02 -4.10
C SER A 603 22.69 24.46 -3.60
N LYS A 604 22.28 25.40 -4.43
CA LYS A 604 22.27 26.78 -3.99
C LYS A 604 21.23 27.07 -2.94
N PHE A 605 20.04 26.44 -3.06
CA PHE A 605 19.04 26.66 -2.06
C PHE A 605 19.56 26.15 -0.70
N SER A 606 20.24 25.02 -0.72
CA SER A 606 20.74 24.43 0.53
C SER A 606 21.76 25.36 1.22
N GLU A 607 22.62 25.95 0.42
CA GLU A 607 23.57 27.00 0.91
C GLU A 607 22.82 28.16 1.57
N ARG A 608 21.76 28.67 0.93
CA ARG A 608 20.99 29.73 1.58
C ARG A 608 20.28 29.31 2.85
N LEU A 609 19.82 28.07 2.88
CA LEU A 609 19.08 27.56 4.02
C LEU A 609 20.06 27.47 5.20
N GLN A 610 21.30 27.15 4.90
CA GLN A 610 22.30 27.05 5.95
C GLN A 610 22.77 28.42 6.40
N ASP A 611 22.85 29.37 5.46
CA ASP A 611 23.42 30.74 5.62
C ASP A 611 22.44 31.83 5.95
N PHE A 612 21.15 31.53 5.99
CA PHE A 612 20.23 32.63 6.08
C PHE A 612 20.15 33.15 7.47
N SER A 615 17.74 35.16 12.56
N SER A 615 15.30 33.82 13.47
CA SER A 615 16.68 35.77 13.30
CA SER A 615 14.47 34.52 14.46
C SER A 615 15.41 36.15 12.45
C SER A 615 13.71 35.63 13.71
N ASN A 616 15.38 35.87 11.14
N ASN A 616 13.87 35.67 12.38
CA ASN A 616 14.29 36.36 10.29
CA ASN A 616 13.03 36.53 11.50
C ASN A 616 13.20 35.30 10.06
C ASN A 616 11.80 35.70 11.04
N PRO A 617 12.06 35.43 10.75
N PRO A 617 10.64 35.85 11.74
CA PRO A 617 11.08 34.35 10.64
CA PRO A 617 9.52 34.93 11.48
C PRO A 617 10.43 34.35 9.26
C PRO A 617 9.08 34.84 10.00
N ILE A 618 10.37 35.50 8.58
N ILE A 618 9.00 35.96 9.27
CA ILE A 618 9.78 35.55 7.23
CA ILE A 618 8.51 35.89 7.88
C ILE A 618 10.63 34.77 6.19
C ILE A 618 9.53 35.26 6.96
N VAL A 619 11.93 35.00 6.21
N VAL A 619 10.81 35.58 7.16
CA VAL A 619 12.86 34.27 5.36
CA VAL A 619 11.84 34.95 6.34
C VAL A 619 12.80 32.79 5.71
C VAL A 619 11.86 33.43 6.58
N LEU A 620 12.76 32.49 7.01
N LEU A 620 11.66 33.05 7.84
CA LEU A 620 12.70 31.10 7.45
CA LEU A 620 11.64 31.65 8.18
C LEU A 620 11.44 30.46 6.84
C LEU A 620 10.42 31.01 7.52
N ARG A 621 10.29 31.11 7.00
N ARG A 621 9.30 31.70 7.59
CA ARG A 621 8.99 30.50 6.66
CA ARG A 621 8.15 31.21 6.86
C ARG A 621 8.90 30.53 5.18
C ARG A 621 8.35 30.91 5.34
N MET A 622 9.22 31.68 4.59
CA MET A 622 9.48 31.57 3.11
C MET A 622 10.27 30.34 2.71
N MET A 623 11.41 30.07 3.40
CA MET A 623 12.14 28.92 3.09
C MET A 623 11.40 27.62 3.48
N ASN A 624 10.66 27.66 4.60
CA ASN A 624 9.90 26.43 5.04
C ASN A 624 8.80 26.18 3.95
N ASP A 625 8.21 27.24 3.44
CA ASP A 625 7.19 27.06 2.34
C ASP A 625 7.84 26.48 1.10
N GLN A 626 9.06 26.91 0.72
CA GLN A 626 9.70 26.35 -0.42
C GLN A 626 9.94 24.86 -0.19
N LEU A 627 10.35 24.50 1.03
CA LEU A 627 10.55 23.07 1.35
C LEU A 627 9.22 22.29 1.30
N MET A 628 8.16 22.87 1.86
CA MET A 628 6.85 22.18 1.97
C MET A 628 6.29 22.00 0.56
N PHE A 629 6.38 23.07 -0.23
CA PHE A 629 5.80 22.98 -1.64
C PHE A 629 6.66 22.29 -2.70
N LEU A 630 7.83 21.77 -2.33
CA LEU A 630 8.66 21.12 -3.30
C LEU A 630 8.03 19.79 -3.74
N GLU A 631 7.58 18.97 -2.77
CA GLU A 631 6.88 17.72 -3.20
C GLU A 631 5.63 18.14 -4.06
N ARG A 632 4.99 19.24 -3.64
CA ARG A 632 3.78 19.69 -4.32
C ARG A 632 4.07 20.02 -5.79
N ALA A 633 5.30 20.44 -6.10
CA ALA A 633 5.59 20.90 -7.43
C ALA A 633 5.64 19.77 -8.42
N PHE A 634 5.77 18.50 -7.92
CA PHE A 634 5.83 17.39 -8.86
C PHE A 634 4.45 16.95 -9.31
N ILE A 635 3.42 17.60 -8.80
CA ILE A 635 2.03 17.28 -9.19
C ILE A 635 1.69 17.92 -10.54
N ASP A 636 1.05 17.16 -11.44
CA ASP A 636 0.50 17.72 -12.71
C ASP A 636 -1.01 17.73 -12.58
N PRO A 637 -1.64 18.90 -12.69
CA PRO A 637 -3.07 18.91 -12.42
C PRO A 637 -3.85 18.10 -13.45
N LEU A 638 -3.24 17.76 -14.59
CA LEU A 638 -3.97 16.96 -15.59
C LEU A 638 -3.86 15.45 -15.32
N GLY A 639 -3.03 15.07 -14.33
CA GLY A 639 -2.89 13.66 -14.00
C GLY A 639 -2.09 12.87 -15.00
N LEU A 640 -1.88 11.57 -14.74
CA LEU A 640 -1.26 10.70 -15.74
C LEU A 640 -2.31 10.12 -16.70
N PRO A 641 -1.89 9.62 -17.90
CA PRO A 641 -2.87 9.15 -18.90
C PRO A 641 -3.89 8.14 -18.37
N ASP A 642 -5.19 8.49 -18.44
CA ASP A 642 -6.32 7.67 -18.00
C ASP A 642 -6.29 7.33 -16.51
N ARG A 643 -5.41 8.00 -15.75
CA ARG A 643 -5.39 7.84 -14.29
C ARG A 643 -5.30 9.25 -13.62
N PRO A 644 -6.44 9.95 -13.61
CA PRO A 644 -6.51 11.36 -13.24
C PRO A 644 -6.15 11.61 -11.77
N PHE A 645 -6.20 10.59 -10.93
CA PHE A 645 -5.91 10.70 -9.48
C PHE A 645 -4.47 10.32 -9.15
N TYR A 646 -3.69 9.92 -10.19
CA TYR A 646 -2.27 9.74 -9.93
C TYR A 646 -1.66 10.93 -10.63
N ARG A 647 -1.30 11.95 -9.84
CA ARG A 647 -0.88 13.22 -10.43
C ARG A 647 0.64 13.52 -10.26
N HIS A 648 1.35 12.72 -9.47
CA HIS A 648 2.79 12.97 -9.24
C HIS A 648 3.50 12.46 -10.50
N VAL A 649 4.39 13.28 -11.02
CA VAL A 649 5.04 12.95 -12.31
C VAL A 649 6.28 12.06 -12.07
N ILE A 650 6.79 12.13 -10.86
CA ILE A 650 8.01 11.29 -10.58
C ILE A 650 7.64 9.86 -10.17
N TYR A 651 6.57 9.70 -9.39
CA TYR A 651 6.19 8.38 -8.79
C TYR A 651 4.75 8.07 -9.05
N ALA A 652 4.41 6.85 -9.47
CA ALA A 652 3.00 6.43 -9.43
C ALA A 652 3.06 4.94 -9.11
N PRO A 653 1.95 4.38 -8.64
CA PRO A 653 1.84 2.91 -8.46
C PRO A 653 2.02 2.28 -9.82
N SER A 654 2.79 1.19 -9.88
CA SER A 654 2.96 0.49 -11.16
C SER A 654 1.62 0.09 -11.78
N SER A 655 1.44 0.32 -13.09
CA SER A 655 0.21 -0.09 -13.81
C SER A 655 0.04 -1.63 -13.79
N HIS A 656 1.13 -2.31 -13.43
CA HIS A 656 1.15 -3.82 -13.41
C HIS A 656 1.10 -4.36 -12.02
N ASN A 657 1.21 -3.50 -11.02
CA ASN A 657 1.26 -3.96 -9.65
C ASN A 657 1.11 -2.77 -8.73
N LYS A 658 -0.10 -2.53 -8.24
CA LYS A 658 -0.38 -1.33 -7.37
C LYS A 658 0.56 -1.21 -6.19
N TYR A 659 1.07 -2.34 -5.67
CA TYR A 659 1.94 -2.20 -4.50
C TYR A 659 3.29 -1.57 -4.77
N ALA A 660 3.79 -1.70 -6.00
CA ALA A 660 5.16 -1.30 -6.35
C ALA A 660 5.16 0.15 -6.83
N GLY A 661 6.15 0.93 -6.43
CA GLY A 661 6.22 2.27 -7.08
C GLY A 661 6.96 2.20 -8.39
N GLU A 662 6.56 3.04 -9.34
CA GLU A 662 7.25 3.17 -10.62
C GLU A 662 7.82 4.60 -10.73
N SER A 663 9.05 4.79 -11.22
CA SER A 663 9.54 6.16 -11.37
C SER A 663 9.34 6.60 -12.83
N PHE A 664 9.23 7.92 -13.05
CA PHE A 664 8.82 8.43 -14.37
C PHE A 664 7.75 7.57 -15.01
N PRO A 665 6.62 7.38 -14.28
CA PRO A 665 5.61 6.46 -14.73
C PRO A 665 5.02 6.76 -16.08
N GLY A 666 4.90 8.07 -16.43
CA GLY A 666 4.23 8.39 -17.69
C GLY A 666 5.16 7.95 -18.84
N ILE A 667 6.46 8.17 -18.68
CA ILE A 667 7.39 7.66 -19.73
C ILE A 667 7.48 6.13 -19.67
N TYR A 668 7.57 5.57 -18.48
CA TYR A 668 7.59 4.11 -18.36
C TYR A 668 6.45 3.39 -19.09
N ASP A 669 5.22 3.82 -18.81
CA ASP A 669 4.08 3.23 -19.46
C ASP A 669 4.04 3.47 -20.96
N ALA A 670 4.53 4.63 -21.41
CA ALA A 670 4.57 4.91 -22.85
C ALA A 670 5.57 3.92 -23.54
N LEU A 671 6.61 3.56 -22.82
CA LEU A 671 7.61 2.60 -23.43
C LEU A 671 7.25 1.13 -23.26
N PHE A 672 6.38 0.84 -22.31
CA PHE A 672 6.13 -0.58 -21.96
C PHE A 672 5.56 -1.34 -23.14
N ASP A 673 6.23 -2.44 -23.50
CA ASP A 673 5.72 -3.33 -24.60
C ASP A 673 5.55 -2.56 -25.93
N ILE A 674 6.36 -1.51 -26.14
CA ILE A 674 6.14 -0.61 -27.30
C ILE A 674 6.39 -1.35 -28.61
N GLU A 675 7.25 -2.40 -28.55
CA GLU A 675 7.59 -3.16 -29.76
C GLU A 675 6.38 -3.89 -30.32
N SER A 676 5.31 -4.00 -29.50
CA SER A 676 4.06 -4.65 -29.91
C SER A 676 2.98 -3.72 -30.43
N LYS A 677 3.23 -2.41 -30.43
CA LYS A 677 2.18 -1.48 -30.83
C LYS A 677 2.07 -1.41 -32.35
N VAL A 678 0.85 -1.28 -32.81
CA VAL A 678 0.57 -1.37 -34.24
C VAL A 678 1.02 -0.13 -35.03
N ASP A 679 1.00 1.04 -34.39
CA ASP A 679 1.39 2.30 -35.02
C ASP A 679 2.59 2.85 -34.26
N PRO A 680 3.83 2.46 -34.64
CA PRO A 680 5.00 2.92 -33.91
C PRO A 680 5.19 4.45 -33.88
N SER A 681 4.78 5.13 -34.94
CA SER A 681 4.90 6.59 -35.01
C SER A 681 4.12 7.23 -33.87
N LYS A 682 2.87 6.79 -33.71
CA LYS A 682 2.04 7.29 -32.62
C LYS A 682 2.62 6.95 -31.23
N ALA A 683 3.09 5.70 -31.06
CA ALA A 683 3.59 5.23 -29.77
C ALA A 683 4.83 6.00 -29.38
N TRP A 684 5.76 6.16 -30.33
CA TRP A 684 6.97 6.93 -30.01
C TRP A 684 6.69 8.43 -29.82
N GLY A 685 5.68 8.95 -30.51
CA GLY A 685 5.21 10.34 -30.31
C GLY A 685 4.76 10.50 -28.87
N GLU A 686 4.10 9.47 -28.32
CA GLU A 686 3.64 9.57 -26.92
C GLU A 686 4.80 9.44 -25.95
N VAL A 687 5.81 8.60 -26.27
CA VAL A 687 7.05 8.62 -25.46
C VAL A 687 7.64 10.05 -25.43
N LYS A 688 7.73 10.72 -26.59
CA LYS A 688 8.30 12.06 -26.64
C LYS A 688 7.45 13.06 -25.82
N ARG A 689 6.13 12.92 -25.96
CA ARG A 689 5.25 13.76 -25.12
C ARG A 689 5.54 13.60 -23.64
N GLN A 690 5.67 12.35 -23.19
CA GLN A 690 5.90 12.12 -21.75
C GLN A 690 7.31 12.59 -21.30
N ILE A 691 8.31 12.50 -22.19
CA ILE A 691 9.60 13.11 -21.90
C ILE A 691 9.48 14.61 -21.65
N TYR A 692 8.78 15.28 -22.54
CA TYR A 692 8.49 16.74 -22.41
C TYR A 692 7.80 17.02 -21.08
N VAL A 693 6.74 16.27 -20.77
CA VAL A 693 6.03 16.56 -19.51
C VAL A 693 6.95 16.40 -18.29
N ALA A 694 7.71 15.33 -18.30
CA ALA A 694 8.66 15.06 -17.19
C ALA A 694 9.75 16.14 -17.08
N ALA A 695 10.40 16.49 -18.19
CA ALA A 695 11.47 17.52 -18.20
C ALA A 695 10.88 18.84 -17.70
N PHE A 696 9.68 19.18 -18.20
CA PHE A 696 9.08 20.42 -17.75
C PHE A 696 8.77 20.41 -16.26
N THR A 697 8.25 19.30 -15.76
CA THR A 697 7.83 19.26 -14.35
C THR A 697 9.08 19.31 -13.48
N VAL A 698 10.14 18.61 -13.89
CA VAL A 698 11.39 18.66 -13.04
C VAL A 698 11.96 20.07 -13.00
N GLN A 699 11.98 20.74 -14.17
CA GLN A 699 12.46 22.14 -14.26
C GLN A 699 11.57 23.07 -13.41
N ALA A 700 10.24 22.89 -13.48
CA ALA A 700 9.33 23.74 -12.74
C ALA A 700 9.50 23.57 -11.24
N ALA A 701 9.74 22.31 -10.80
CA ALA A 701 9.94 22.02 -9.40
C ALA A 701 11.26 22.71 -8.97
N ALA A 702 12.29 22.53 -9.78
CA ALA A 702 13.58 23.20 -9.48
C ALA A 702 13.38 24.70 -9.28
N GLU A 703 12.63 25.32 -10.19
CA GLU A 703 12.38 26.75 -10.08
C GLU A 703 11.65 27.23 -8.84
N THR A 704 10.96 26.34 -8.10
CA THR A 704 10.35 26.73 -6.86
C THR A 704 11.41 26.95 -5.78
N LEU A 705 12.60 26.42 -6.02
CA LEU A 705 13.73 26.56 -5.04
C LEU A 705 14.61 27.73 -5.38
N SER A 706 14.42 28.32 -6.58
CA SER A 706 15.17 29.57 -6.92
C SER A 706 14.81 30.71 -5.95
N GLU A 707 15.66 31.78 -5.88
CA GLU A 707 15.21 32.94 -5.13
C GLU A 707 13.89 33.45 -5.69
N VAL A 708 13.05 33.88 -4.80
CA VAL A 708 11.61 34.09 -5.10
C VAL A 708 11.37 35.38 -5.88
N ALA A 709 12.34 36.29 -5.87
CA ALA A 709 12.22 37.62 -6.52
C ALA A 709 13.57 38.33 -6.41
C ACE B 1 -0.48 -4.16 5.13
O ACE B 1 0.07 -3.03 5.17
CH3 ACE B 1 -0.22 -5.20 6.18
N ASP B 2 -1.20 -4.57 4.06
CA ASP B 2 -1.59 -3.65 3.01
C ASP B 2 -2.95 -4.07 2.41
N GLU B 3 -3.62 -3.17 1.72
CA GLU B 3 -4.96 -3.55 1.13
C GLU B 3 -4.78 -4.77 0.19
C1 NAG C . -10.61 -2.03 25.47
C2 NAG C . -11.62 -2.91 26.16
C3 NAG C . -12.84 -2.09 26.63
C4 NAG C . -12.50 -0.79 27.32
C5 NAG C . -11.42 -0.08 26.55
C6 NAG C . -10.96 1.21 27.26
C7 NAG C . -11.54 -5.23 25.45
C8 NAG C . -12.01 -6.31 24.55
N2 NAG C . -12.06 -4.00 25.28
O3 NAG C . -13.53 -2.84 27.58
O4 NAG C . -13.68 0.00 27.31
O5 NAG C . -10.31 -0.95 26.35
O6 NAG C . -10.40 0.81 28.49
O7 NAG C . -10.69 -5.50 26.31
C1 NAG C . -14.04 0.39 28.64
C2 NAG C . -15.04 1.55 28.53
C3 NAG C . -15.60 1.90 29.91
C4 NAG C . -16.18 0.67 30.60
C5 NAG C . -15.15 -0.47 30.64
C6 NAG C . -15.83 -1.77 31.07
C7 NAG C . -14.42 3.22 26.76
C8 NAG C . -15.18 2.48 25.74
N2 NAG C . -14.34 2.70 27.99
O3 NAG C . -16.57 2.92 29.77
O4 NAG C . -16.62 0.97 31.93
O5 NAG C . -14.62 -0.69 29.33
O6 NAG C . -16.92 -2.00 30.20
O7 NAG C . -13.87 4.30 26.45
C1 NAG D . -21.83 -29.28 -2.93
C2 NAG D . -22.27 -30.73 -2.61
C3 NAG D . -23.53 -31.04 -3.37
C4 NAG D . -24.60 -29.98 -3.15
C5 NAG D . -24.03 -28.54 -3.33
C6 NAG D . -25.04 -27.47 -2.94
C7 NAG D . -20.51 -32.37 -2.24
C8 NAG D . -19.46 -33.26 -2.84
N2 NAG D . -21.29 -31.68 -3.07
O3 NAG D . -24.03 -32.31 -2.96
O4 NAG D . -25.64 -30.23 -4.08
O5 NAG D . -22.88 -28.40 -2.53
O6 NAG D . -25.37 -27.58 -1.58
O7 NAG D . -20.65 -32.31 -1.03
C1 NAG D . -26.93 -30.19 -3.43
C2 NAG D . -27.95 -29.85 -4.51
C3 NAG D . -29.35 -29.92 -3.91
C4 NAG D . -29.54 -31.31 -3.33
C5 NAG D . -28.54 -31.44 -2.17
C6 NAG D . -28.75 -32.73 -1.36
C7 NAG D . -27.07 -28.21 -6.17
C8 NAG D . -26.52 -29.26 -7.07
N2 NAG D . -27.74 -28.51 -5.04
O3 NAG D . -30.34 -29.69 -4.89
O4 NAG D . -30.90 -31.52 -2.97
O5 NAG D . -27.22 -31.39 -2.70
O6 NAG D . -28.35 -33.82 -2.16
O7 NAG D . -26.91 -27.04 -6.49
C1 NAG E . 21.24 15.16 9.60
C2 NAG E . 20.58 16.52 9.26
C3 NAG E . 21.61 17.37 8.55
C4 NAG E . 22.90 17.51 9.37
C5 NAG E . 23.43 16.11 9.67
C6 NAG E . 24.69 16.12 10.55
C7 NAG E . 18.18 16.78 8.75
C8 NAG E . 18.03 17.50 10.02
N2 NAG E . 19.38 16.37 8.41
O3 NAG E . 21.07 18.65 8.29
O4 NAG E . 23.87 18.16 8.57
O5 NAG E . 22.38 15.53 10.41
O6 NAG E . 24.36 16.82 11.74
O7 NAG E . 17.17 16.66 7.96
C1 NAG E . 24.47 19.27 9.27
C2 NAG E . 25.61 19.67 8.34
C3 NAG E . 26.32 20.88 8.95
C4 NAG E . 25.34 22.01 9.18
C5 NAG E . 24.18 21.53 10.06
C6 NAG E . 23.11 22.60 10.16
C7 NAG E . 26.69 17.84 7.09
C8 NAG E . 25.80 18.07 5.90
N2 NAG E . 26.54 18.56 8.20
O3 NAG E . 27.36 21.28 8.08
O4 NAG E . 26.01 23.06 9.86
O5 NAG E . 23.62 20.39 9.43
O6 NAG E . 22.79 22.97 8.82
O7 NAG E . 27.54 16.96 7.02
C1 NAG F . 18.41 24.41 -17.62
C2 NAG F . 17.15 24.52 -18.54
C3 NAG F . 17.59 25.29 -19.80
C4 NAG F . 18.19 26.68 -19.47
C5 NAG F . 19.27 26.52 -18.41
C6 NAG F . 19.65 27.94 -17.92
C7 NAG F . 15.28 22.98 -19.00
C8 NAG F . 14.90 21.58 -19.40
N2 NAG F . 16.60 23.21 -18.91
O3 NAG F . 16.51 25.38 -20.72
O4 NAG F . 18.91 27.29 -20.54
O5 NAG F . 18.73 25.77 -17.34
O6 NAG F . 20.83 27.92 -17.17
O7 NAG F . 14.48 23.90 -18.76
C1 NAG F . 18.03 27.87 -21.51
C2 NAG F . 18.54 29.24 -21.93
C3 NAG F . 17.71 29.75 -23.13
C4 NAG F . 17.72 28.71 -24.23
C5 NAG F . 17.07 27.47 -23.61
C6 NAG F . 16.84 26.38 -24.66
C7 NAG F . 19.49 30.65 -20.16
C8 NAG F . 20.87 30.26 -20.57
N2 NAG F . 18.44 30.17 -20.84
O3 NAG F . 18.24 31.00 -23.54
O4 NAG F . 16.85 29.05 -25.29
O5 NAG F . 17.92 26.99 -22.60
O6 NAG F . 18.09 25.78 -24.87
O7 NAG F . 19.37 31.40 -19.18
C1 BMA F . 17.48 29.81 -26.34
C2 BMA F . 16.83 29.45 -27.67
C3 BMA F . 17.35 30.36 -28.75
C4 BMA F . 17.11 31.80 -28.35
C5 BMA F . 17.75 32.04 -26.98
C6 BMA F . 17.45 33.44 -26.44
O2 BMA F . 15.44 29.69 -27.55
O3 BMA F . 16.55 30.07 -29.86
O4 BMA F . 17.65 32.63 -29.32
O5 BMA F . 17.15 31.13 -26.06
O6 BMA F . 17.90 33.56 -25.10
C1 MAN F . 17.35 29.82 -31.04
C2 MAN F . 16.39 29.90 -32.22
C3 MAN F . 15.51 28.65 -32.28
C4 MAN F . 16.31 27.37 -32.17
C5 MAN F . 17.21 27.45 -30.93
C6 MAN F . 18.01 26.19 -30.65
O2 MAN F . 17.18 30.02 -33.38
O3 MAN F . 14.80 28.55 -33.49
O4 MAN F . 15.42 26.27 -32.04
O5 MAN F . 18.05 28.59 -31.04
O6 MAN F . 18.89 25.91 -31.73
C1 NAG G . -29.24 -13.31 0.15
C2 NAG G . -30.00 -12.16 -0.47
C3 NAG G . -31.51 -12.31 -0.41
C4 NAG G . -31.93 -13.72 -0.84
C5 NAG G . -30.75 -14.65 -1.27
C6 NAG G . -30.31 -14.53 -2.74
C7 NAG G . -29.08 -9.95 -0.56
C8 NAG G . -29.09 -10.04 -2.06
N2 NAG G . -29.63 -10.93 0.16
O3 NAG G . -32.07 -11.40 -1.32
O4 NAG G . -32.59 -14.30 0.27
O5 NAG G . -29.65 -14.57 -0.36
O6 NAG G . -31.43 -14.53 -3.62
O7 NAG G . -28.57 -8.99 0.00
C1 NAG H . -9.53 -16.52 -28.34
C2 NAG H . -9.42 -15.87 -29.70
C3 NAG H . -10.70 -15.06 -29.92
C4 NAG H . -11.90 -16.00 -29.92
C5 NAG H . -11.96 -16.88 -28.68
C6 NAG H . -12.83 -18.12 -28.95
C7 NAG H . -7.10 -15.58 -30.38
C8 NAG H . -5.92 -14.66 -30.52
N2 NAG H . -8.21 -15.07 -29.84
O3 NAG H . -10.58 -14.37 -31.13
O4 NAG H . -13.10 -15.26 -29.98
O5 NAG H . -10.68 -17.36 -28.26
O6 NAG H . -14.22 -17.88 -28.77
O7 NAG H . -7.02 -16.76 -30.76
C1 NAG I . 11.94 -14.28 14.25
C2 NAG I . 11.27 -15.19 13.22
C3 NAG I . 11.82 -16.62 13.31
C4 NAG I . 13.35 -16.64 13.15
C5 NAG I . 13.94 -15.71 14.23
C6 NAG I . 15.48 -15.63 14.14
C7 NAG I . 9.08 -14.58 12.41
C8 NAG I . 7.58 -14.63 12.52
N2 NAG I . 9.83 -15.08 13.40
O3 NAG I . 11.30 -17.44 12.29
O4 NAG I . 13.89 -17.97 13.24
O5 NAG I . 13.38 -14.38 14.16
O6 NAG I . 15.93 -15.34 12.83
O7 NAG I . 9.59 -14.19 11.38
ZN ZN J . -4.98 -5.27 4.70
ZN ZN K . -3.81 -2.70 6.40
CA CA L . -15.28 10.33 -3.24
CL CL M . 2.69 1.27 6.97
#